data_7S0E
#
_entry.id   7S0E
#
_cell.length_a   1.00
_cell.length_b   1.00
_cell.length_c   1.00
_cell.angle_alpha   90.00
_cell.angle_beta   90.00
_cell.angle_gamma   90.00
#
_symmetry.space_group_name_H-M   'P 1'
#
loop_
_entity.id
_entity.type
_entity.pdbx_description
1 polymer 'Spike glycoprotein'
2 polymer 'N-612-004 Fab heavy chain'
3 polymer 'N-612-004 Light Chain'
#
loop_
_entity_poly.entity_id
_entity_poly.type
_entity_poly.pdbx_seq_one_letter_code
_entity_poly.pdbx_strand_id
1 'polypeptide(L)'
;MFVFLVLLPLVSSQCVNLTTRTQLPPAYTNSFTRGVYYPDKVFRSSVLHSTQDLFLPFFSNVTWFHAIHVSGTNGTKRFD
NPVLPFNDGVYFASTEKSNIIRGWIFGTTLDSKTQSLLIVNNATNVVIKVCEFQFCNDPFLGVYYHKNNKSWMESEFRVY
SSANNCTFEYVSQPFLMDLEGKQGNFKNLREFVFKNIDGYFKIYSKHTPINLVRDLPQGFSALEPLVDLPIGINITRFQT
LLALHRSYLTPGDSSSGWTAGAAAYYVGYLQPRTFLLKYNENGTITDAVDCALDPLSETKCTLKSFTVEKGIYQTSNFRV
QPTESIVRFPNITNLCPFGEVFNATRFASVYAWNRKRISNCVADYSVLYNSASFSTFKCYGVSPTKLNDLCFTNVYADSF
VIRGDEVRQIAPGQTGKIADYNYKLPDDFTGCVIAWNSNNLDSKVGGNYNYLYRLFRKSNLKPFERDISTEIYQAGSTPC
NGVEGFNCYFPLQSYGFQPTNGVGYQPYRVVVLSFELLHAPATVCGPKKSTNLVKNKCVNFNFNGLTGTGVLTESNKKFL
PFQQFGRDIADTTDAVRDPQTLEILDITPCSFGGVSVITPGTNTSNQVAVLYQDVNCTEVPVAIHADQLTPTWRVYSTGS
NVFQTRAGCLIGAEHVNNSYECDIPIGAGICASYQTQTNSPASVASQSIIAYTMSLGAENSVAYSNNSIAIPTNFTISVT
TEILPVSMTKTSVDCTMYICGDSTECSNLLLQYGSFCTQLNRALTGIAVEQDKNTQEVFAQVKQIYKTPPIKDFGGFNFS
QILPDPSKPSKRSPIEDLLFNKVTLADAGFIKQYGDCLGDIAARDLICAQKFNGLTVLPPLLTDEMIAQYTSALLAGTIT
SGWTFGAGPALQIPFPMQMAYRFNGIGVTQNVLYENQKLIANQFNSAIGKIQDSLSSTPSALGKLQDVVNQNAQALNTLV
KQLSSNFGAISSVLNDILSRLDPPEAEVQIDRLITGRLQSLQTYVTQQLIRAAEIRASANLAATKMSECVLGQSKRVDFC
GKGYHLMSFPQSAPHGVVFLHVTYVPAQEKNFTTAPAICHDGKAHFPREGVFVSNGTHWFVTQRNFYEPQIITTDNTFVS
GNCDVVIGIVNNTVYDPLQPELDSFKEELDKYFKNHTSPDVDLGDISGINASVVNIQKEIDRLNEVAKNLNESLIDLQEL
GKYEQYIKWPSGRLVPRGSPGSGYIPEAPRDGQAYVRKDGEWVLLSTFLGHHHHHHGLNDIFEAQKIEWHE
;
A
2 'polypeptide(L)'
;EVQLVESGGGLVQPGGSLRLSCAASGFTFSSYYMHWVRQAPGKGLEWVSAISGSGGYTYYADSVKGRFTISRDNSKNTLY
LQMNSLRAEDTAVYYCARDRDHAYDWGFDVWGQGTLVTVSSASTKGPSVFPLAPSSKSTSGGTAALGCLVKDYFPEPVTV
SWNSGALTSGVHTFPAVLQSSGLYSLSSVVTVPSSSLGTQTYICNVNHKPSNTKVDKKVEPKSCDKTH
;
H
3 'polypeptide(L)'
;DIQMTQSPSSLSASVGDRVTITCQASQDISNYLNWYQQKPGKAPKLLIYDASNLETGVPSRFSGSGSGTDFTFTISSLQP
EDIATYYCQQWADWPLTFGQGTKVEIKRTVAAPSVFIFPPSDEQLKSGTASVVCLLNNFYPREAKVQWKVDNALQSGNSQ
ESVTEQDSKDSTYSLSSTLTLSKADYEKHKVYACEVTHQGLSSPVTKSFNRGEC
;
L
#
# COMPACT_ATOMS: atom_id res chain seq x y z
N SER A 12 -58.61 10.06 4.90
CA SER A 12 -58.44 11.44 4.47
C SER A 12 -59.76 12.17 4.27
N SER A 13 -59.74 13.48 4.46
CA SER A 13 -60.93 14.31 4.28
C SER A 13 -61.24 14.42 2.81
N GLN A 14 -62.47 14.83 2.50
CA GLN A 14 -62.81 15.19 1.14
C GLN A 14 -62.09 16.48 0.75
N CYS A 15 -61.43 16.46 -0.40
CA CYS A 15 -60.52 17.51 -0.78
C CYS A 15 -61.22 18.51 -1.70
N VAL A 16 -60.70 19.73 -1.71
CA VAL A 16 -61.28 20.84 -2.45
C VAL A 16 -60.22 21.40 -3.37
N ASN A 17 -60.66 21.92 -4.53
CA ASN A 17 -59.76 22.42 -5.56
C ASN A 17 -59.68 23.94 -5.43
N LEU A 18 -58.61 24.43 -4.79
CA LEU A 18 -58.41 25.85 -4.57
C LEU A 18 -57.29 26.45 -5.39
N THR A 19 -56.28 25.65 -5.75
CA THR A 19 -55.16 26.17 -6.52
C THR A 19 -55.61 26.57 -7.92
N THR A 20 -55.15 27.73 -8.37
CA THR A 20 -55.48 28.24 -9.68
C THR A 20 -54.51 27.72 -10.73
N ARG A 21 -54.99 27.66 -11.98
CA ARG A 21 -54.12 27.25 -13.08
C ARG A 21 -53.01 28.27 -13.30
N THR A 22 -53.25 29.53 -12.94
CA THR A 22 -52.24 30.57 -13.05
C THR A 22 -51.14 30.32 -12.03
N GLN A 23 -49.89 30.34 -12.49
CA GLN A 23 -48.75 30.07 -11.62
C GLN A 23 -47.95 31.36 -11.38
N LEU A 24 -47.41 31.48 -10.17
CA LEU A 24 -46.55 32.58 -9.79
C LEU A 24 -45.11 32.11 -9.76
N PRO A 25 -44.20 32.78 -10.45
CA PRO A 25 -42.83 32.26 -10.58
C PRO A 25 -42.05 32.43 -9.29
N PRO A 26 -41.11 31.53 -9.02
CA PRO A 26 -40.26 31.67 -7.83
C PRO A 26 -39.17 32.72 -8.03
N ALA A 27 -38.52 33.06 -6.93
CA ALA A 27 -37.51 34.10 -6.91
C ALA A 27 -36.18 33.55 -6.43
N TYR A 28 -35.13 34.35 -6.62
CA TYR A 28 -33.77 34.03 -6.21
C TYR A 28 -33.21 35.17 -5.39
N THR A 29 -33.10 34.96 -4.08
CA THR A 29 -32.55 35.97 -3.19
C THR A 29 -31.66 35.28 -2.17
N ASN A 30 -31.02 36.08 -1.32
CA ASN A 30 -29.97 35.60 -0.44
C ASN A 30 -30.52 35.10 0.89
N SER A 31 -29.83 34.11 1.45
CA SER A 31 -30.14 33.58 2.76
C SER A 31 -29.49 34.38 3.88
N PHE A 32 -28.70 35.41 3.55
CA PHE A 32 -27.91 36.15 4.52
C PHE A 32 -27.08 35.21 5.36
N THR A 33 -27.22 35.29 6.68
CA THR A 33 -26.48 34.40 7.58
C THR A 33 -27.43 33.76 8.59
N ARG A 34 -28.55 33.23 8.09
CA ARG A 34 -29.57 32.62 8.93
C ARG A 34 -29.57 31.10 8.71
N GLY A 35 -29.98 30.38 9.76
CA GLY A 35 -30.05 28.94 9.70
C GLY A 35 -29.06 28.19 10.57
N VAL A 36 -28.39 28.87 11.48
CA VAL A 36 -27.42 28.22 12.36
C VAL A 36 -28.16 27.51 13.49
N TYR A 37 -27.83 26.24 13.70
CA TYR A 37 -28.41 25.47 14.78
C TYR A 37 -27.31 24.64 15.43
N TYR A 38 -27.58 24.19 16.66
CA TYR A 38 -26.59 23.48 17.44
C TYR A 38 -26.41 22.05 16.92
N PRO A 39 -25.18 21.66 16.56
CA PRO A 39 -24.99 20.32 15.99
C PRO A 39 -25.11 19.20 17.00
N ASP A 40 -24.79 19.45 18.26
CA ASP A 40 -24.82 18.41 19.28
C ASP A 40 -25.36 19.00 20.58
N LYS A 41 -25.87 18.13 21.45
CA LYS A 41 -26.41 18.53 22.74
C LYS A 41 -25.36 18.47 23.85
N VAL A 42 -24.14 18.06 23.53
CA VAL A 42 -23.07 18.01 24.53
C VAL A 42 -22.69 19.44 24.90
N PHE A 43 -22.70 19.73 26.20
CA PHE A 43 -22.37 21.07 26.66
C PHE A 43 -20.91 21.38 26.37
N ARG A 44 -20.69 22.43 25.58
CA ARG A 44 -19.35 22.86 25.21
C ARG A 44 -19.31 24.38 25.24
N SER A 45 -18.15 24.93 25.60
CA SER A 45 -18.00 26.37 25.71
C SER A 45 -16.60 26.79 25.25
N SER A 46 -16.56 27.91 24.54
CA SER A 46 -15.31 28.49 24.04
C SER A 46 -14.49 27.47 23.26
N VAL A 47 -15.16 26.82 22.30
CA VAL A 47 -14.53 25.77 21.51
C VAL A 47 -15.00 25.92 20.07
N LEU A 48 -14.12 25.58 19.13
CA LEU A 48 -14.43 25.58 17.71
C LEU A 48 -14.65 24.14 17.26
N HIS A 49 -15.83 23.86 16.73
CA HIS A 49 -16.21 22.51 16.30
C HIS A 49 -16.43 22.50 14.80
N SER A 50 -15.75 21.58 14.12
CA SER A 50 -15.94 21.35 12.70
C SER A 50 -16.87 20.16 12.51
N THR A 51 -17.79 20.27 11.57
CA THR A 51 -18.74 19.19 11.32
C THR A 51 -19.20 19.24 9.88
N GLN A 52 -19.50 18.06 9.34
CA GLN A 52 -20.07 17.93 8.00
C GLN A 52 -21.51 17.45 8.15
N ASP A 53 -22.46 18.34 7.90
CA ASP A 53 -23.87 18.03 8.08
C ASP A 53 -24.68 18.95 7.16
N LEU A 54 -25.99 18.95 7.36
CA LEU A 54 -26.93 19.62 6.46
C LEU A 54 -27.15 21.05 6.98
N PHE A 55 -26.98 22.03 6.10
CA PHE A 55 -27.12 23.43 6.46
C PHE A 55 -27.51 24.27 5.26
N LEU A 56 -27.94 25.50 5.53
CA LEU A 56 -28.10 26.53 4.53
C LEU A 56 -26.83 27.38 4.47
N PRO A 57 -26.15 27.40 3.34
CA PRO A 57 -24.96 28.26 3.22
C PRO A 57 -25.34 29.73 3.34
N PHE A 58 -24.38 30.54 3.76
CA PHE A 58 -24.58 31.97 3.77
C PHE A 58 -24.74 32.49 2.35
N PHE A 59 -25.63 33.48 2.19
CA PHE A 59 -25.88 34.11 0.90
C PHE A 59 -26.41 33.10 -0.12
N SER A 60 -26.90 31.97 0.37
CA SER A 60 -27.39 30.92 -0.51
C SER A 60 -28.76 31.28 -1.08
N ASN A 61 -29.18 30.49 -2.05
CA ASN A 61 -30.48 30.72 -2.70
C ASN A 61 -31.61 30.34 -1.76
N VAL A 62 -32.36 31.35 -1.31
CA VAL A 62 -33.65 31.14 -0.68
C VAL A 62 -34.69 31.80 -1.59
N THR A 63 -35.82 31.13 -1.77
CA THR A 63 -36.85 31.59 -2.68
C THR A 63 -37.79 32.53 -1.95
N TRP A 64 -38.14 33.64 -2.58
CA TRP A 64 -39.00 34.67 -2.02
C TRP A 64 -40.45 34.28 -2.31
N PHE A 65 -40.91 33.21 -1.68
CA PHE A 65 -42.22 32.62 -1.97
C PHE A 65 -43.36 33.49 -1.45
N HIS A 66 -44.54 33.28 -2.05
CA HIS A 66 -45.81 33.72 -1.49
C HIS A 66 -46.71 32.51 -1.36
N ALA A 67 -47.11 32.19 -0.13
CA ALA A 67 -48.00 31.05 0.08
C ALA A 67 -49.36 31.30 -0.55
N ILE A 68 -49.97 32.44 -0.26
CA ILE A 68 -51.21 32.87 -0.89
C ILE A 68 -51.08 34.36 -1.20
N HIS A 69 -51.62 34.76 -2.35
CA HIS A 69 -51.45 36.13 -2.80
C HIS A 69 -52.72 36.59 -3.49
N VAL A 70 -53.15 37.81 -3.15
CA VAL A 70 -54.29 38.46 -3.78
C VAL A 70 -53.74 39.51 -4.74
N SER A 71 -54.05 39.35 -6.03
CA SER A 71 -53.58 40.27 -7.05
C SER A 71 -54.67 41.27 -7.43
N ASN A 74 -61.55 46.23 -8.65
CA ASN A 74 -61.79 44.93 -9.28
C ASN A 74 -62.02 43.85 -8.25
N GLY A 75 -61.21 43.84 -7.20
CA GLY A 75 -61.33 42.85 -6.16
C GLY A 75 -60.80 41.48 -6.53
N THR A 76 -59.97 41.39 -7.56
CA THR A 76 -59.44 40.09 -8.00
C THR A 76 -58.54 39.49 -6.93
N LYS A 77 -58.79 38.22 -6.62
CA LYS A 77 -58.02 37.49 -5.62
C LYS A 77 -57.52 36.17 -6.20
N ARG A 78 -56.42 35.67 -5.64
CA ARG A 78 -55.79 34.46 -6.15
C ARG A 78 -55.38 33.55 -4.99
N PHE A 79 -55.12 32.29 -5.32
CA PHE A 79 -54.71 31.29 -4.33
C PHE A 79 -53.84 30.26 -5.02
N ASP A 80 -52.56 30.20 -4.63
CA ASP A 80 -51.61 29.27 -5.24
C ASP A 80 -50.67 28.77 -4.14
N ASN A 81 -51.01 27.63 -3.55
CA ASN A 81 -50.20 26.99 -2.51
C ASN A 81 -49.50 25.78 -3.11
N PRO A 82 -48.19 25.85 -3.31
CA PRO A 82 -47.48 24.81 -4.05
C PRO A 82 -47.02 23.65 -3.16
N VAL A 83 -46.35 22.71 -3.81
CA VAL A 83 -45.85 21.49 -3.17
C VAL A 83 -44.35 21.38 -3.41
N LEU A 84 -43.59 21.15 -2.34
CA LEU A 84 -42.14 21.08 -2.42
C LEU A 84 -41.61 19.78 -1.81
N PRO A 85 -40.61 19.17 -2.44
CA PRO A 85 -39.99 17.98 -1.84
C PRO A 85 -39.08 18.33 -0.69
N PHE A 86 -38.82 17.34 0.16
CA PHE A 86 -38.04 17.52 1.38
C PHE A 86 -36.55 17.33 1.18
N ASN A 87 -36.15 16.41 0.31
CA ASN A 87 -34.74 16.10 0.05
C ASN A 87 -34.09 15.72 1.38
N ASP A 88 -33.02 16.39 1.80
CA ASP A 88 -32.31 16.03 3.02
C ASP A 88 -32.84 16.71 4.27
N GLY A 89 -33.26 17.97 4.17
CA GLY A 89 -33.70 18.72 5.33
C GLY A 89 -34.26 20.06 4.90
N VAL A 90 -35.09 20.64 5.78
CA VAL A 90 -35.77 21.89 5.50
C VAL A 90 -35.59 22.87 6.65
N TYR A 91 -35.22 24.10 6.31
CA TYR A 91 -35.21 25.24 7.22
C TYR A 91 -36.37 26.16 6.85
N PHE A 92 -37.15 26.55 7.85
CA PHE A 92 -38.27 27.46 7.63
C PHE A 92 -38.27 28.58 8.65
N ALA A 93 -38.66 29.76 8.19
CA ALA A 93 -38.95 30.91 9.04
C ALA A 93 -39.92 31.82 8.30
N SER A 94 -40.64 32.64 9.05
CA SER A 94 -41.58 33.57 8.44
C SER A 94 -41.91 34.68 9.43
N THR A 95 -42.33 35.81 8.89
CA THR A 95 -42.72 36.99 9.68
C THR A 95 -44.23 37.09 9.66
N GLU A 96 -44.88 36.60 10.71
CA GLU A 96 -46.33 36.61 10.78
C GLU A 96 -46.81 36.45 12.22
N LYS A 97 -47.74 37.31 12.64
CA LYS A 97 -48.35 37.24 13.95
C LYS A 97 -49.84 36.91 13.88
N SER A 98 -50.36 36.63 12.69
CA SER A 98 -51.76 36.28 12.51
C SER A 98 -52.05 34.82 12.79
N ASN A 99 -51.01 34.00 13.00
CA ASN A 99 -51.15 32.60 13.37
C ASN A 99 -51.89 31.80 12.29
N ILE A 100 -52.00 32.40 11.11
CA ILE A 100 -52.59 31.68 9.98
C ILE A 100 -51.75 30.47 9.61
N ILE A 101 -50.43 30.65 9.60
CA ILE A 101 -49.51 29.53 9.49
C ILE A 101 -49.63 28.69 10.75
N ARG A 102 -50.02 27.42 10.58
CA ARG A 102 -50.32 26.57 11.73
C ARG A 102 -49.38 25.40 11.89
N GLY A 103 -48.89 24.81 10.81
CA GLY A 103 -48.03 23.65 10.94
C GLY A 103 -47.47 23.21 9.61
N TRP A 104 -47.00 21.96 9.57
CA TRP A 104 -46.38 21.40 8.38
C TRP A 104 -46.68 19.91 8.32
N ILE A 105 -46.48 19.34 7.14
CA ILE A 105 -46.55 17.91 6.91
C ILE A 105 -45.21 17.48 6.33
N PHE A 106 -44.72 16.32 6.79
CA PHE A 106 -43.47 15.77 6.28
C PHE A 106 -43.64 14.30 5.95
N GLY A 107 -42.88 13.84 4.95
CA GLY A 107 -42.96 12.46 4.54
C GLY A 107 -42.40 12.29 3.14
N THR A 108 -42.85 11.23 2.47
CA THR A 108 -42.35 10.95 1.12
C THR A 108 -43.36 11.35 0.07
N THR A 109 -44.58 10.81 0.16
CA THR A 109 -45.64 11.19 -0.76
C THR A 109 -46.83 11.82 -0.05
N LEU A 110 -46.92 11.62 1.28
CA LEU A 110 -47.97 12.21 2.11
C LEU A 110 -49.37 11.72 1.72
N ASP A 111 -49.44 10.50 1.19
CA ASP A 111 -50.72 9.83 0.96
C ASP A 111 -50.89 8.75 2.02
N SER A 112 -52.00 8.01 1.93
CA SER A 112 -52.26 6.94 2.88
C SER A 112 -51.32 5.76 2.69
N LYS A 113 -50.48 5.76 1.65
CA LYS A 113 -49.57 4.66 1.39
C LYS A 113 -48.38 4.62 2.34
N THR A 114 -47.99 5.76 2.92
CA THR A 114 -46.78 5.84 3.72
C THR A 114 -47.10 6.35 5.11
N GLN A 115 -46.34 5.86 6.08
CA GLN A 115 -46.42 6.37 7.44
C GLN A 115 -45.98 7.83 7.49
N SER A 116 -46.76 8.65 8.17
CA SER A 116 -46.48 10.07 8.24
C SER A 116 -46.72 10.58 9.66
N LEU A 117 -45.95 11.60 10.04
CA LEU A 117 -46.01 12.19 11.37
C LEU A 117 -47.00 13.34 11.35
N LEU A 118 -47.54 13.67 12.52
CA LEU A 118 -48.46 14.78 12.68
C LEU A 118 -48.18 15.50 13.99
N ILE A 119 -48.15 16.83 13.93
CA ILE A 119 -48.02 17.67 15.11
C ILE A 119 -49.27 18.54 15.20
N VAL A 120 -49.86 18.59 16.39
CA VAL A 120 -51.13 19.28 16.62
C VAL A 120 -50.92 20.32 17.70
N ASN A 121 -51.42 21.54 17.46
CA ASN A 121 -51.32 22.63 18.40
C ASN A 121 -52.63 23.41 18.47
N ASN A 122 -53.14 23.58 19.67
CA ASN A 122 -54.33 24.37 19.91
C ASN A 122 -54.04 25.32 21.08
N ALA A 123 -55.09 25.97 21.58
CA ALA A 123 -54.91 26.90 22.69
C ALA A 123 -54.56 26.18 23.98
N THR A 124 -54.71 24.86 24.02
CA THR A 124 -54.50 24.09 25.25
C THR A 124 -53.08 23.55 25.39
N ASN A 125 -52.57 22.86 24.38
CA ASN A 125 -51.29 22.17 24.49
C ASN A 125 -50.89 21.65 23.12
N VAL A 126 -49.75 20.97 23.07
CA VAL A 126 -49.26 20.33 21.86
C VAL A 126 -49.66 18.87 21.89
N VAL A 127 -50.13 18.36 20.75
CA VAL A 127 -50.47 16.96 20.57
C VAL A 127 -49.71 16.44 19.37
N ILE A 128 -49.10 15.26 19.51
CA ILE A 128 -48.34 14.66 18.42
C ILE A 128 -48.82 13.22 18.26
N LYS A 129 -48.99 12.80 17.00
CA LYS A 129 -49.35 11.44 16.66
C LYS A 129 -48.79 11.11 15.29
N VAL A 130 -48.44 9.84 15.09
CA VAL A 130 -47.89 9.40 13.80
C VAL A 130 -48.70 8.20 13.34
N CYS A 131 -49.81 8.46 12.65
CA CYS A 131 -50.63 7.41 12.04
C CYS A 131 -50.47 7.48 10.53
N GLU A 132 -51.16 6.56 9.85
CA GLU A 132 -51.21 6.54 8.39
C GLU A 132 -52.26 7.55 7.95
N PHE A 133 -51.82 8.76 7.64
CA PHE A 133 -52.72 9.84 7.29
C PHE A 133 -52.81 9.99 5.78
N GLN A 134 -54.01 10.34 5.31
CA GLN A 134 -54.22 10.68 3.90
C GLN A 134 -54.45 12.19 3.84
N PHE A 135 -53.48 12.91 3.29
CA PHE A 135 -53.52 14.36 3.28
C PHE A 135 -54.06 14.88 1.95
N CYS A 136 -54.92 15.90 2.02
CA CYS A 136 -55.46 16.50 0.80
C CYS A 136 -54.41 17.36 0.12
N ASN A 137 -54.69 17.70 -1.14
CA ASN A 137 -53.82 18.60 -1.89
C ASN A 137 -53.72 19.97 -1.23
N ASP A 138 -54.82 20.47 -0.67
CA ASP A 138 -54.82 21.73 0.09
C ASP A 138 -55.48 21.50 1.44
N PRO A 139 -54.76 20.87 2.37
CA PRO A 139 -55.32 20.65 3.71
C PRO A 139 -55.52 21.98 4.43
N PHE A 140 -56.53 22.01 5.31
CA PHE A 140 -56.90 23.25 5.97
C PHE A 140 -57.71 22.93 7.21
N LEU A 141 -57.84 23.92 8.08
CA LEU A 141 -58.72 23.87 9.25
C LEU A 141 -59.59 25.11 9.26
N GLY A 142 -60.81 24.96 9.77
CA GLY A 142 -61.76 26.06 9.85
C GLY A 142 -61.58 26.85 11.13
N VAL A 143 -61.86 28.15 11.06
CA VAL A 143 -61.77 29.03 12.20
C VAL A 143 -62.92 30.03 12.12
N TYR A 144 -63.41 30.44 13.29
CA TYR A 144 -64.56 31.32 13.36
C TYR A 144 -64.42 32.26 14.56
N TYR A 145 -65.16 33.36 14.49
CA TYR A 145 -65.17 34.39 15.53
C TYR A 145 -66.29 34.07 16.51
N HIS A 146 -65.93 33.79 17.77
CA HIS A 146 -66.92 33.44 18.78
C HIS A 146 -67.39 34.70 19.49
N LYS A 147 -68.36 35.39 18.88
CA LYS A 147 -68.65 36.78 19.24
C LYS A 147 -69.07 36.96 20.69
N ASN A 148 -69.80 36.01 21.26
CA ASN A 148 -70.19 36.17 22.66
C ASN A 148 -68.97 36.23 23.58
N ASN A 149 -67.99 35.36 23.33
CA ASN A 149 -66.72 35.48 24.02
C ASN A 149 -65.68 36.24 23.19
N LYS A 150 -66.04 36.68 21.99
CA LYS A 150 -65.19 37.51 21.13
C LYS A 150 -63.80 36.90 20.98
N SER A 151 -63.75 35.71 20.41
CA SER A 151 -62.50 35.00 20.24
C SER A 151 -62.52 34.22 18.93
N TRP A 152 -61.38 34.23 18.24
CA TRP A 152 -61.18 33.34 17.11
C TRP A 152 -60.94 31.93 17.62
N MET A 153 -61.75 30.99 17.14
CA MET A 153 -61.66 29.61 17.63
C MET A 153 -61.67 28.67 16.44
N GLU A 154 -60.89 27.60 16.55
CA GLU A 154 -60.87 26.57 15.54
C GLU A 154 -62.22 25.86 15.48
N SER A 155 -62.69 25.60 14.27
CA SER A 155 -64.03 25.03 14.12
C SER A 155 -63.98 23.53 13.92
N GLU A 156 -63.31 23.08 12.85
CA GLU A 156 -63.31 21.66 12.51
C GLU A 156 -61.98 21.30 11.86
N PHE A 157 -61.69 20.01 11.83
CA PHE A 157 -60.50 19.52 11.14
C PHE A 157 -60.85 19.06 9.74
N ARG A 158 -60.17 19.64 8.75
CA ARG A 158 -60.40 19.33 7.34
C ARG A 158 -59.08 18.93 6.69
N VAL A 159 -58.35 18.04 7.34
CA VAL A 159 -57.06 17.57 6.86
C VAL A 159 -57.07 16.06 6.62
N TYR A 160 -57.50 15.28 7.61
CA TYR A 160 -57.53 13.83 7.49
C TYR A 160 -58.81 13.30 8.13
N SER A 161 -59.45 12.36 7.44
CA SER A 161 -60.57 11.64 8.04
C SER A 161 -60.19 10.23 8.45
N SER A 162 -58.92 9.87 8.31
CA SER A 162 -58.45 8.55 8.67
C SER A 162 -57.13 8.68 9.42
N ALA A 163 -56.98 7.88 10.47
CA ALA A 163 -55.75 7.85 11.25
C ALA A 163 -55.63 6.48 11.89
N ASN A 164 -54.68 5.69 11.41
CA ASN A 164 -54.51 4.32 11.88
C ASN A 164 -53.03 4.05 12.13
N ASN A 165 -52.78 3.20 13.13
CA ASN A 165 -51.43 2.74 13.47
C ASN A 165 -50.52 3.89 13.89
N CYS A 166 -50.87 4.60 14.96
CA CYS A 166 -49.95 5.59 15.52
C CYS A 166 -48.88 4.90 16.37
N THR A 167 -47.63 5.33 16.16
CA THR A 167 -46.50 4.75 16.88
C THR A 167 -45.79 5.74 17.79
N PHE A 168 -46.28 6.97 17.91
CA PHE A 168 -45.63 7.95 18.79
C PHE A 168 -46.63 9.03 19.17
N GLU A 169 -46.54 9.50 20.41
CA GLU A 169 -47.38 10.57 20.92
C GLU A 169 -46.58 11.45 21.85
N TYR A 170 -46.77 12.77 21.76
CA TYR A 170 -46.04 13.72 22.57
C TYR A 170 -46.97 14.87 22.96
N VAL A 171 -46.87 15.31 24.22
CA VAL A 171 -47.71 16.36 24.76
C VAL A 171 -46.82 17.36 25.49
N SER A 172 -46.99 18.65 25.16
CA SER A 172 -46.25 19.71 25.84
C SER A 172 -46.95 21.04 25.60
N GLN A 173 -46.37 22.12 26.12
CA GLN A 173 -46.85 23.48 25.95
C GLN A 173 -46.57 23.98 24.54
N PRO A 174 -47.39 24.89 24.02
CA PRO A 174 -47.17 25.38 22.65
C PRO A 174 -45.82 26.07 22.50
N PHE A 175 -45.19 25.84 21.35
CA PHE A 175 -43.89 26.42 21.05
C PHE A 175 -43.93 27.43 19.92
N LEU A 176 -44.82 27.27 18.94
CA LEU A 176 -45.01 28.24 17.88
C LEU A 176 -46.06 29.28 18.23
N MET A 177 -46.73 29.15 19.36
CA MET A 177 -47.69 30.12 19.85
C MET A 177 -47.03 31.01 20.90
N ASP A 178 -47.11 32.32 20.67
CA ASP A 178 -46.50 33.30 21.57
C ASP A 178 -45.02 33.03 21.78
N LYS A 187 -44.36 40.65 11.39
CA LYS A 187 -43.57 41.36 12.39
C LYS A 187 -43.05 40.41 13.46
N ASN A 188 -43.66 39.23 13.53
CA ASN A 188 -43.27 38.20 14.49
C ASN A 188 -42.55 37.10 13.73
N LEU A 189 -41.22 37.11 13.80
CA LEU A 189 -40.39 36.14 13.10
C LEU A 189 -40.17 34.92 13.97
N ARG A 190 -40.79 33.80 13.60
CA ARG A 190 -40.53 32.52 14.23
C ARG A 190 -39.77 31.64 13.24
N GLU A 191 -38.72 31.00 13.73
CA GLU A 191 -37.78 30.27 12.90
C GLU A 191 -37.60 28.86 13.43
N PHE A 192 -37.87 27.88 12.56
CA PHE A 192 -37.95 26.48 12.95
C PHE A 192 -37.01 25.65 12.09
N VAL A 193 -36.49 24.57 12.67
CA VAL A 193 -35.64 23.62 11.96
C VAL A 193 -36.23 22.23 12.13
N PHE A 194 -36.40 21.52 11.03
CA PHE A 194 -36.97 20.17 11.04
C PHE A 194 -35.97 19.17 10.47
N LYS A 195 -35.62 18.17 11.27
CA LYS A 195 -34.73 17.10 10.86
C LYS A 195 -35.33 15.76 11.27
N ASN A 196 -34.91 14.69 10.60
CA ASN A 196 -35.27 13.32 10.96
C ASN A 196 -34.03 12.46 10.74
N ILE A 197 -33.27 12.24 11.80
CA ILE A 197 -31.99 11.55 11.74
C ILE A 197 -31.96 10.44 12.78
N ASP A 198 -31.55 9.25 12.35
CA ASP A 198 -31.35 8.10 13.24
C ASP A 198 -32.61 7.78 14.03
N GLY A 199 -33.75 7.83 13.33
CA GLY A 199 -35.03 7.57 13.95
C GLY A 199 -35.56 8.68 14.81
N TYR A 200 -34.78 9.73 15.04
CA TYR A 200 -35.19 10.87 15.87
C TYR A 200 -35.53 12.05 14.97
N PHE A 201 -36.71 12.64 15.19
CA PHE A 201 -37.13 13.84 14.50
C PHE A 201 -36.67 15.03 15.34
N LYS A 202 -35.55 15.64 14.94
CA LYS A 202 -34.96 16.74 15.70
C LYS A 202 -35.61 18.05 15.27
N ILE A 203 -36.28 18.71 16.21
CA ILE A 203 -36.94 19.98 15.97
C ILE A 203 -36.20 21.05 16.76
N TYR A 204 -35.78 22.10 16.06
CA TYR A 204 -35.08 23.23 16.65
C TYR A 204 -35.95 24.46 16.47
N SER A 205 -36.13 25.23 17.54
CA SER A 205 -37.10 26.32 17.52
C SER A 205 -36.48 27.60 18.06
N LYS A 206 -36.96 28.72 17.53
CA LYS A 206 -36.55 30.04 17.98
C LYS A 206 -37.58 31.06 17.50
N HIS A 207 -37.82 32.07 18.34
CA HIS A 207 -38.79 33.12 18.06
C HIS A 207 -38.11 34.47 18.19
N THR A 208 -38.43 35.39 17.29
CA THR A 208 -37.78 36.69 17.29
C THR A 208 -38.72 37.78 16.79
N PRO A 209 -38.98 38.80 17.60
CA PRO A 209 -39.69 39.98 17.09
C PRO A 209 -38.74 40.87 16.30
N ILE A 210 -39.25 41.45 15.21
CA ILE A 210 -38.44 42.20 14.27
C ILE A 210 -39.10 43.55 14.00
N ASN A 211 -38.38 44.39 13.26
CA ASN A 211 -38.86 45.69 12.80
C ASN A 211 -38.75 45.78 11.28
N LEU A 212 -39.03 44.68 10.60
CA LEU A 212 -38.97 44.61 9.15
C LEU A 212 -40.25 43.97 8.63
N VAL A 213 -40.47 44.08 7.31
CA VAL A 213 -41.70 43.63 6.68
C VAL A 213 -41.42 42.59 5.58
N ARG A 214 -40.67 42.98 4.56
CA ARG A 214 -40.60 42.17 3.34
C ARG A 214 -39.60 41.03 3.47
N ASP A 215 -38.33 41.36 3.66
CA ASP A 215 -37.24 40.42 3.47
C ASP A 215 -36.83 39.78 4.79
N LEU A 216 -36.03 38.72 4.68
CA LEU A 216 -35.39 38.16 5.84
C LEU A 216 -34.25 39.08 6.29
N PRO A 217 -34.28 39.56 7.53
CA PRO A 217 -33.28 40.55 7.96
C PRO A 217 -31.88 39.98 8.00
N GLN A 218 -30.91 40.86 7.74
CA GLN A 218 -29.52 40.48 7.85
C GLN A 218 -29.16 40.19 9.29
N GLY A 219 -28.01 39.56 9.48
CA GLY A 219 -27.52 39.21 10.80
C GLY A 219 -27.61 37.71 11.06
N PHE A 220 -27.00 37.33 12.17
CA PHE A 220 -26.90 35.92 12.56
C PHE A 220 -27.88 35.64 13.69
N SER A 221 -28.28 34.38 13.80
CA SER A 221 -29.13 33.94 14.90
C SER A 221 -28.92 32.45 15.10
N ALA A 222 -28.10 32.09 16.09
CA ALA A 222 -27.93 30.69 16.44
C ALA A 222 -29.24 30.14 17.01
N LEU A 223 -29.89 29.29 16.24
CA LEU A 223 -31.26 28.88 16.54
C LEU A 223 -31.25 27.73 17.54
N GLU A 224 -32.18 27.81 18.55
CA GLU A 224 -32.19 27.00 19.75
C GLU A 224 -32.80 25.61 19.51
N PRO A 225 -32.20 24.57 20.06
CA PRO A 225 -32.77 23.22 19.92
C PRO A 225 -34.02 23.03 20.77
N LEU A 226 -35.14 22.75 20.12
CA LEU A 226 -36.41 22.59 20.83
C LEU A 226 -36.56 21.19 21.44
N VAL A 227 -36.58 20.15 20.61
CA VAL A 227 -36.88 18.80 21.09
C VAL A 227 -36.51 17.81 20.00
N ASP A 228 -36.11 16.61 20.43
CA ASP A 228 -35.84 15.48 19.55
C ASP A 228 -36.95 14.46 19.74
N LEU A 229 -37.52 13.98 18.64
CA LEU A 229 -38.68 13.10 18.70
C LEU A 229 -38.41 11.81 17.95
N PRO A 230 -38.48 10.65 18.62
CA PRO A 230 -38.20 9.36 17.94
C PRO A 230 -39.33 8.91 17.01
N ILE A 231 -39.33 9.43 15.80
CA ILE A 231 -40.35 9.08 14.81
C ILE A 231 -39.86 7.93 13.94
N GLY A 232 -38.76 8.16 13.21
CA GLY A 232 -38.16 7.12 12.40
C GLY A 232 -38.98 6.70 11.18
N ILE A 233 -39.11 7.60 10.20
CA ILE A 233 -39.78 7.28 8.95
C ILE A 233 -39.13 8.06 7.82
N ASN A 234 -39.11 7.45 6.63
CA ASN A 234 -38.56 8.13 5.47
C ASN A 234 -39.36 9.37 5.13
N ILE A 235 -38.66 10.44 4.75
CA ILE A 235 -39.28 11.72 4.43
C ILE A 235 -38.61 12.28 3.18
N THR A 236 -39.39 12.51 2.12
CA THR A 236 -38.86 13.11 0.91
C THR A 236 -39.67 14.30 0.40
N ARG A 237 -40.84 14.58 0.97
CA ARG A 237 -41.64 15.71 0.53
C ARG A 237 -42.36 16.32 1.73
N PHE A 238 -42.67 17.62 1.61
CA PHE A 238 -43.36 18.32 2.69
C PHE A 238 -44.36 19.28 2.07
N GLN A 239 -45.17 19.88 2.94
CA GLN A 239 -45.99 21.03 2.58
C GLN A 239 -46.47 21.70 3.86
N THR A 240 -46.49 23.03 3.85
CA THR A 240 -46.89 23.79 5.02
C THR A 240 -48.40 23.65 5.25
N LEU A 241 -48.78 23.54 6.52
CA LEU A 241 -50.18 23.41 6.90
C LEU A 241 -50.75 24.78 7.25
N LEU A 242 -51.85 25.13 6.62
CA LEU A 242 -52.52 26.41 6.83
C LEU A 242 -53.95 26.16 7.31
N ALA A 243 -54.50 27.14 8.01
CA ALA A 243 -55.89 27.10 8.44
C ALA A 243 -56.66 28.18 7.69
N LEU A 244 -57.42 27.76 6.68
CA LEU A 244 -58.15 28.67 5.81
C LEU A 244 -59.48 29.05 6.44
N HIS A 245 -59.84 30.33 6.32
CA HIS A 245 -61.10 30.81 6.84
C HIS A 245 -62.25 30.39 5.93
N ARG A 246 -63.45 30.29 6.51
CA ARG A 246 -64.62 29.94 5.72
C ARG A 246 -64.95 31.01 4.71
N SER A 247 -64.38 32.21 4.88
CA SER A 247 -64.67 33.32 3.97
C SER A 247 -64.32 32.97 2.53
N TYR A 248 -63.14 32.40 2.28
CA TYR A 248 -62.83 31.90 0.95
C TYR A 248 -63.52 30.59 0.63
N LEU A 249 -63.93 29.83 1.65
CA LEU A 249 -64.71 28.62 1.44
C LEU A 249 -66.14 28.91 1.04
N THR A 250 -66.47 30.17 0.76
CA THR A 250 -67.73 30.51 0.13
C THR A 250 -67.80 29.85 -1.24
N PRO A 251 -69.00 29.54 -1.73
CA PRO A 251 -69.11 28.77 -2.98
C PRO A 251 -68.51 29.44 -4.20
N GLY A 252 -68.33 30.77 -4.17
CA GLY A 252 -67.66 31.46 -5.26
C GLY A 252 -66.17 31.52 -5.06
N ASP A 253 -65.52 32.36 -5.88
CA ASP A 253 -64.10 32.60 -5.78
C ASP A 253 -63.76 33.78 -4.88
N SER A 254 -64.65 34.16 -3.97
CA SER A 254 -64.49 35.35 -3.15
C SER A 254 -64.26 34.97 -1.69
N SER A 255 -63.45 35.77 -1.02
CA SER A 255 -63.19 35.65 0.42
C SER A 255 -63.61 36.98 1.05
N SER A 256 -64.89 37.07 1.43
CA SER A 256 -65.43 38.32 1.94
C SER A 256 -64.82 38.74 3.27
N GLY A 257 -64.55 37.80 4.17
CA GLY A 257 -64.02 38.15 5.47
C GLY A 257 -62.65 37.55 5.76
N TRP A 258 -61.81 37.43 4.73
CA TRP A 258 -60.46 36.93 4.91
C TRP A 258 -59.53 37.39 3.81
N THR A 259 -58.32 37.82 4.19
CA THR A 259 -57.30 38.23 3.22
C THR A 259 -56.68 36.98 2.61
N ALA A 260 -57.14 36.65 1.40
CA ALA A 260 -56.65 35.48 0.68
C ALA A 260 -55.21 35.62 0.21
N GLY A 261 -54.53 36.71 0.56
CA GLY A 261 -53.12 36.87 0.27
C GLY A 261 -52.24 37.06 1.50
N ALA A 262 -52.83 36.97 2.70
CA ALA A 262 -52.14 37.31 3.94
C ALA A 262 -51.00 36.35 4.29
N ALA A 263 -50.91 35.18 3.67
CA ALA A 263 -49.94 34.17 4.07
C ALA A 263 -48.85 34.02 3.01
N ALA A 264 -47.61 34.14 3.47
CA ALA A 264 -46.43 33.87 2.64
C ALA A 264 -45.42 33.08 3.47
N TYR A 265 -44.67 32.21 2.80
CA TYR A 265 -43.71 31.36 3.48
C TYR A 265 -42.37 31.53 2.79
N TYR A 266 -41.30 31.23 3.52
CA TYR A 266 -39.95 31.25 2.96
C TYR A 266 -39.18 30.04 3.45
N VAL A 267 -38.73 29.22 2.50
CA VAL A 267 -38.11 27.93 2.78
C VAL A 267 -36.76 27.87 2.07
N GLY A 268 -35.74 27.40 2.78
CA GLY A 268 -34.47 27.06 2.17
C GLY A 268 -34.14 25.60 2.40
N TYR A 269 -33.25 25.08 1.55
CA TYR A 269 -32.87 23.68 1.58
C TYR A 269 -31.49 23.51 2.17
N LEU A 270 -31.40 22.69 3.21
CA LEU A 270 -30.11 22.32 3.78
C LEU A 270 -29.31 21.53 2.77
N GLN A 271 -27.99 21.70 2.82
CA GLN A 271 -27.08 20.96 1.96
C GLN A 271 -25.94 20.44 2.82
N PRO A 272 -25.43 19.24 2.50
CA PRO A 272 -24.32 18.69 3.29
C PRO A 272 -23.07 19.53 3.09
N ARG A 273 -22.72 20.29 4.12
CA ARG A 273 -21.61 21.24 4.04
C ARG A 273 -20.79 21.17 5.32
N THR A 274 -19.62 21.78 5.28
CA THR A 274 -18.73 21.85 6.42
C THR A 274 -18.88 23.20 7.11
N PHE A 275 -19.00 23.18 8.43
CA PHE A 275 -19.16 24.38 9.23
C PHE A 275 -18.27 24.36 10.46
N LEU A 276 -17.85 25.54 10.88
CA LEU A 276 -17.12 25.75 12.12
C LEU A 276 -17.94 26.64 13.03
N LEU A 277 -18.08 26.23 14.29
CA LEU A 277 -18.95 26.92 15.24
C LEU A 277 -18.11 27.55 16.35
N LYS A 278 -18.32 28.83 16.58
CA LYS A 278 -17.63 29.57 17.65
C LYS A 278 -18.53 29.58 18.89
N TYR A 279 -17.99 29.11 20.01
CA TYR A 279 -18.70 29.07 21.27
C TYR A 279 -18.17 30.18 22.18
N ASN A 280 -19.05 30.73 23.02
CA ASN A 280 -18.64 31.72 24.00
C ASN A 280 -18.38 31.06 25.35
N GLU A 281 -18.15 31.89 26.38
CA GLU A 281 -17.94 31.35 27.71
C GLU A 281 -19.24 30.96 28.40
N ASN A 282 -20.39 31.27 27.82
CA ASN A 282 -21.67 30.79 28.31
C ASN A 282 -22.07 29.44 27.72
N GLY A 283 -21.23 28.87 26.86
CA GLY A 283 -21.61 27.69 26.12
C GLY A 283 -22.56 27.95 24.98
N THR A 284 -22.82 29.22 24.65
CA THR A 284 -23.75 29.59 23.59
C THR A 284 -22.99 29.89 22.31
N ILE A 285 -23.53 29.43 21.19
CA ILE A 285 -22.92 29.68 19.88
C ILE A 285 -23.22 31.13 19.48
N THR A 286 -22.18 31.87 19.14
CA THR A 286 -22.30 33.28 18.78
C THR A 286 -22.09 33.56 17.30
N ASP A 287 -21.22 32.80 16.62
CA ASP A 287 -20.96 33.06 15.22
C ASP A 287 -20.44 31.78 14.58
N ALA A 288 -20.57 31.71 13.25
CA ALA A 288 -20.12 30.56 12.49
C ALA A 288 -19.70 31.01 11.10
N VAL A 289 -18.84 30.21 10.48
CA VAL A 289 -18.29 30.50 9.17
C VAL A 289 -18.41 29.25 8.29
N ASP A 290 -18.87 29.44 7.06
CA ASP A 290 -18.96 28.36 6.08
C ASP A 290 -17.63 28.29 5.34
N CYS A 291 -17.12 27.07 5.15
CA CYS A 291 -15.93 26.89 4.32
C CYS A 291 -16.27 26.99 2.84
N ALA A 292 -17.56 26.94 2.50
CA ALA A 292 -18.00 27.00 1.12
C ALA A 292 -18.51 28.36 0.70
N LEU A 293 -18.27 29.42 1.50
CA LEU A 293 -18.69 30.75 1.10
C LEU A 293 -17.82 31.27 -0.04
N ASP A 294 -16.52 31.39 0.20
CA ASP A 294 -15.56 31.72 -0.85
C ASP A 294 -14.17 31.36 -0.35
N PRO A 295 -13.17 31.35 -1.23
CA PRO A 295 -11.79 31.19 -0.75
C PRO A 295 -11.41 32.19 0.32
N LEU A 296 -11.93 33.41 0.24
CA LEU A 296 -11.72 34.37 1.32
C LEU A 296 -12.24 33.83 2.64
N SER A 297 -13.42 33.21 2.61
CA SER A 297 -13.91 32.51 3.80
C SER A 297 -13.13 31.22 4.03
N GLU A 298 -12.84 30.48 2.97
CA GLU A 298 -12.10 29.23 3.11
C GLU A 298 -10.71 29.47 3.66
N THR A 299 -10.20 30.70 3.51
CA THR A 299 -8.92 31.06 4.11
C THR A 299 -8.97 30.91 5.63
N LYS A 300 -10.05 31.40 6.24
CA LYS A 300 -10.21 31.27 7.69
C LYS A 300 -10.42 29.82 8.11
N CYS A 301 -11.02 28.99 7.25
CA CYS A 301 -11.08 27.56 7.53
C CYS A 301 -9.69 26.93 7.56
N THR A 302 -8.81 27.34 6.64
CA THR A 302 -7.46 26.81 6.64
C THR A 302 -6.66 27.31 7.84
N LEU A 303 -6.97 28.52 8.31
CA LEU A 303 -6.17 29.13 9.37
C LEU A 303 -6.83 29.04 10.74
N LYS A 304 -8.13 28.72 10.80
CA LYS A 304 -8.86 28.67 12.06
C LYS A 304 -8.85 30.02 12.77
N SER A 305 -8.80 31.10 12.00
CA SER A 305 -8.80 32.45 12.56
C SER A 305 -9.25 33.48 11.52
N GLN A 321 -15.24 21.12 -2.67
CA GLN A 321 -15.36 20.79 -1.26
C GLN A 321 -16.30 19.59 -1.08
N PRO A 322 -16.07 18.78 -0.05
CA PRO A 322 -16.80 17.51 0.06
C PRO A 322 -18.28 17.72 0.30
N THR A 323 -19.07 16.74 -0.15
CA THR A 323 -20.52 16.80 -0.07
C THR A 323 -21.13 15.51 0.46
N GLU A 324 -20.41 14.39 0.43
CA GLU A 324 -20.97 13.12 0.82
C GLU A 324 -19.84 12.22 1.34
N SER A 325 -20.22 11.18 2.07
CA SER A 325 -19.28 10.19 2.56
C SER A 325 -19.68 8.80 2.08
N ILE A 326 -18.68 7.98 1.75
CA ILE A 326 -18.89 6.62 1.27
C ILE A 326 -18.01 5.68 2.08
N VAL A 327 -18.57 4.58 2.53
CA VAL A 327 -17.87 3.63 3.39
C VAL A 327 -18.00 2.25 2.77
N ARG A 328 -16.87 1.54 2.64
CA ARG A 328 -16.83 0.24 2.00
C ARG A 328 -15.78 -0.63 2.67
N PHE A 329 -16.22 -1.73 3.28
CA PHE A 329 -15.32 -2.66 3.92
C PHE A 329 -15.45 -4.02 3.25
N PRO A 330 -14.44 -4.88 3.35
CA PRO A 330 -14.59 -6.27 2.88
C PRO A 330 -15.80 -6.94 3.50
N ASN A 331 -16.70 -7.42 2.65
CA ASN A 331 -18.03 -7.86 3.05
C ASN A 331 -18.23 -9.31 2.58
N ILE A 332 -19.44 -9.87 2.63
CA ILE A 332 -19.71 -11.25 2.26
C ILE A 332 -18.93 -12.21 3.16
N THR A 333 -19.04 -11.99 4.47
CA THR A 333 -18.39 -12.83 5.46
C THR A 333 -19.35 -13.04 6.63
N ASN A 334 -19.21 -14.17 7.29
CA ASN A 334 -20.03 -14.52 8.44
C ASN A 334 -19.48 -13.86 9.70
N LEU A 335 -19.96 -14.30 10.85
CA LEU A 335 -19.46 -13.81 12.13
C LEU A 335 -18.25 -14.64 12.58
N CYS A 336 -17.40 -14.01 13.40
CA CYS A 336 -16.22 -14.71 13.87
C CYS A 336 -16.55 -15.61 15.05
N PRO A 337 -15.93 -16.78 15.14
CA PRO A 337 -16.27 -17.75 16.19
C PRO A 337 -15.57 -17.44 17.52
N PHE A 338 -15.88 -16.27 18.08
CA PHE A 338 -15.34 -15.92 19.40
C PHE A 338 -15.85 -16.85 20.48
N GLY A 339 -17.14 -17.19 20.43
CA GLY A 339 -17.69 -18.10 21.42
C GLY A 339 -17.08 -19.49 21.37
N GLU A 340 -16.66 -19.93 20.18
CA GLU A 340 -16.04 -21.24 20.06
C GLU A 340 -14.75 -21.33 20.86
N VAL A 341 -14.08 -20.20 21.09
CA VAL A 341 -12.84 -20.19 21.85
C VAL A 341 -13.01 -19.52 23.20
N PHE A 342 -13.73 -18.39 23.26
CA PHE A 342 -13.91 -17.70 24.52
C PHE A 342 -14.84 -18.48 25.46
N ASN A 343 -15.97 -18.94 24.94
CA ASN A 343 -16.97 -19.64 25.74
C ASN A 343 -16.81 -21.16 25.68
N ALA A 344 -15.60 -21.64 25.38
CA ALA A 344 -15.37 -23.08 25.30
C ALA A 344 -15.60 -23.74 26.65
N THR A 345 -16.28 -24.90 26.62
CA THR A 345 -16.55 -25.63 27.86
C THR A 345 -15.25 -26.08 28.53
N ARG A 346 -14.32 -26.61 27.75
CA ARG A 346 -13.03 -27.06 28.27
C ARG A 346 -11.93 -26.14 27.77
N PHE A 347 -11.03 -25.77 28.67
CA PHE A 347 -9.94 -24.86 28.39
C PHE A 347 -8.60 -25.58 28.58
N ALA A 348 -7.70 -25.40 27.63
CA ALA A 348 -6.42 -26.11 27.67
C ALA A 348 -5.49 -25.51 28.71
N SER A 349 -4.43 -26.26 29.03
CA SER A 349 -3.44 -25.80 29.98
C SER A 349 -2.60 -24.66 29.39
N VAL A 350 -1.88 -23.96 30.27
CA VAL A 350 -1.14 -22.77 29.84
C VAL A 350 0.03 -23.13 28.93
N TYR A 351 0.70 -24.26 29.17
CA TYR A 351 1.82 -24.63 28.31
C TYR A 351 1.35 -25.06 26.93
N ALA A 352 0.05 -25.34 26.78
CA ALA A 352 -0.53 -25.77 25.51
C ALA A 352 -1.35 -24.64 24.87
N TRP A 353 -0.85 -23.41 24.95
CA TRP A 353 -1.57 -22.29 24.35
C TRP A 353 -1.74 -22.49 22.84
N ASN A 354 -2.95 -22.21 22.37
CA ASN A 354 -3.42 -22.65 21.07
C ASN A 354 -3.34 -21.55 20.01
N ARG A 355 -3.47 -21.95 18.75
CA ARG A 355 -3.60 -21.05 17.61
C ARG A 355 -4.88 -21.37 16.85
N LYS A 356 -5.79 -20.41 16.84
CA LYS A 356 -6.91 -20.38 15.90
C LYS A 356 -6.72 -19.25 14.91
N ARG A 357 -6.58 -19.60 13.63
CA ARG A 357 -6.56 -18.60 12.57
C ARG A 357 -7.98 -18.12 12.33
N ILE A 358 -8.17 -16.81 12.36
CA ILE A 358 -9.48 -16.20 12.25
C ILE A 358 -9.53 -15.45 10.93
N SER A 359 -10.44 -15.84 10.06
CA SER A 359 -10.53 -15.26 8.72
C SER A 359 -11.95 -15.39 8.22
N ASN A 360 -12.25 -14.61 7.18
CA ASN A 360 -13.51 -14.71 6.44
C ASN A 360 -14.72 -14.52 7.36
N CYS A 361 -14.59 -13.60 8.31
CA CYS A 361 -15.64 -13.38 9.28
C CYS A 361 -15.61 -11.93 9.74
N VAL A 362 -16.74 -11.49 10.30
CA VAL A 362 -16.87 -10.16 10.88
C VAL A 362 -16.79 -10.28 12.39
N ALA A 363 -16.10 -9.34 13.03
CA ALA A 363 -15.84 -9.39 14.46
C ALA A 363 -16.50 -8.20 15.14
N ASP A 364 -17.17 -8.47 16.26
CA ASP A 364 -17.78 -7.43 17.09
C ASP A 364 -17.05 -7.40 18.43
N TYR A 365 -16.27 -6.34 18.65
CA TYR A 365 -15.44 -6.25 19.83
C TYR A 365 -16.14 -5.55 21.00
N SER A 366 -17.28 -4.90 20.75
CA SER A 366 -18.00 -4.24 21.84
C SER A 366 -18.52 -5.24 22.87
N VAL A 367 -19.08 -6.37 22.41
CA VAL A 367 -19.54 -7.40 23.34
C VAL A 367 -18.36 -7.98 24.10
N LEU A 368 -17.17 -7.93 23.53
CA LEU A 368 -15.98 -8.41 24.23
C LEU A 368 -15.43 -7.36 25.17
N TYR A 369 -15.24 -6.13 24.66
CA TYR A 369 -14.74 -5.06 25.51
C TYR A 369 -15.73 -4.71 26.61
N ASN A 370 -17.01 -4.57 26.27
CA ASN A 370 -18.04 -4.26 27.26
C ASN A 370 -18.78 -5.55 27.60
N SER A 371 -18.16 -6.33 28.49
CA SER A 371 -18.74 -7.58 28.96
C SER A 371 -18.92 -7.66 30.46
N ALA A 372 -18.30 -6.78 31.24
CA ALA A 372 -18.40 -6.75 32.70
C ALA A 372 -17.81 -8.00 33.34
N SER A 373 -17.32 -8.92 32.51
CA SER A 373 -16.73 -10.16 33.00
C SER A 373 -15.24 -10.25 32.72
N PHE A 374 -14.60 -9.16 32.29
CA PHE A 374 -13.17 -9.15 31.98
C PHE A 374 -12.46 -8.13 32.86
N SER A 375 -11.69 -8.63 33.84
CA SER A 375 -10.99 -7.76 34.76
C SER A 375 -9.77 -7.09 34.13
N THR A 376 -9.11 -7.74 33.17
CA THR A 376 -7.93 -7.21 32.52
C THR A 376 -8.24 -6.93 31.06
N PHE A 377 -8.01 -5.69 30.62
CA PHE A 377 -8.26 -5.33 29.22
C PHE A 377 -7.19 -4.28 28.84
N LYS A 378 -6.10 -4.76 28.26
CA LYS A 378 -5.05 -3.90 27.76
C LYS A 378 -4.79 -4.21 26.29
N CYS A 379 -4.83 -3.18 25.45
CA CYS A 379 -4.55 -3.31 24.04
C CYS A 379 -3.38 -2.41 23.66
N TYR A 380 -2.55 -2.89 22.74
CA TYR A 380 -1.33 -2.21 22.36
C TYR A 380 -1.34 -1.98 20.86
N GLY A 381 -1.04 -0.75 20.45
CA GLY A 381 -1.11 -0.35 19.06
C GLY A 381 -2.49 0.11 18.64
N VAL A 382 -3.51 -0.61 19.10
CA VAL A 382 -4.91 -0.27 18.84
C VAL A 382 -5.58 0.06 20.16
N SER A 383 -6.66 0.83 20.06
CA SER A 383 -7.41 1.21 21.24
C SER A 383 -8.47 0.18 21.57
N PRO A 384 -8.82 0.00 22.85
CA PRO A 384 -9.90 -0.92 23.20
C PRO A 384 -11.21 -0.56 22.52
N THR A 385 -11.49 0.74 22.42
CA THR A 385 -12.64 1.21 21.66
C THR A 385 -12.32 1.20 20.16
N LYS A 386 -13.35 1.51 19.37
CA LYS A 386 -13.27 1.65 17.91
C LYS A 386 -12.58 0.48 17.22
N LEU A 387 -12.49 -0.67 17.89
CA LEU A 387 -12.01 -1.88 17.24
C LEU A 387 -12.97 -2.36 16.16
N ASN A 388 -14.26 -2.07 16.31
CA ASN A 388 -15.26 -2.47 15.33
C ASN A 388 -15.18 -1.66 14.04
N ASP A 389 -14.36 -0.63 13.99
CA ASP A 389 -14.11 0.12 12.77
C ASP A 389 -12.77 -0.23 12.14
N LEU A 390 -12.05 -1.20 12.69
CA LEU A 390 -10.75 -1.60 12.19
C LEU A 390 -10.80 -2.97 11.55
N CYS A 391 -9.86 -3.20 10.64
CA CYS A 391 -9.73 -4.47 9.93
C CYS A 391 -8.31 -4.99 10.12
N PHE A 392 -8.18 -6.32 10.10
CA PHE A 392 -6.88 -6.94 10.29
C PHE A 392 -6.69 -8.07 9.30
N THR A 393 -5.43 -8.30 8.92
CA THR A 393 -5.11 -9.38 8.00
C THR A 393 -5.43 -10.74 8.61
N ASN A 394 -5.07 -10.94 9.88
CA ASN A 394 -5.29 -12.22 10.54
C ASN A 394 -5.22 -12.01 12.05
N VAL A 395 -5.99 -12.80 12.79
CA VAL A 395 -6.06 -12.71 14.24
C VAL A 395 -5.87 -14.09 14.82
N TYR A 396 -5.02 -14.20 15.85
CA TYR A 396 -4.75 -15.45 16.54
C TYR A 396 -5.34 -15.40 17.94
N ALA A 397 -5.90 -16.53 18.37
CA ALA A 397 -6.62 -16.62 19.64
C ALA A 397 -5.82 -17.45 20.62
N ASP A 398 -5.60 -16.91 21.81
CA ASP A 398 -4.85 -17.58 22.85
C ASP A 398 -5.76 -17.82 24.06
N SER A 399 -5.73 -19.03 24.59
CA SER A 399 -6.63 -19.39 25.68
C SER A 399 -6.01 -20.47 26.54
N PHE A 400 -6.24 -20.34 27.85
CA PHE A 400 -5.78 -21.33 28.83
C PHE A 400 -6.40 -20.99 30.17
N VAL A 401 -6.01 -21.75 31.19
CA VAL A 401 -6.43 -21.52 32.57
C VAL A 401 -5.19 -21.47 33.46
N ILE A 402 -5.11 -20.44 34.29
CA ILE A 402 -4.09 -20.28 35.32
C ILE A 402 -4.75 -19.70 36.56
N ARG A 403 -4.00 -19.64 37.66
CA ARG A 403 -4.58 -19.19 38.92
C ARG A 403 -4.59 -17.66 38.99
N GLY A 404 -5.19 -17.15 40.07
CA GLY A 404 -5.19 -15.72 40.30
C GLY A 404 -3.81 -15.15 40.51
N ASP A 405 -2.96 -15.87 41.24
CA ASP A 405 -1.58 -15.43 41.44
C ASP A 405 -0.81 -15.39 40.12
N GLU A 406 -1.24 -16.14 39.12
CA GLU A 406 -0.59 -16.16 37.83
C GLU A 406 -1.16 -15.15 36.83
N VAL A 407 -2.18 -14.38 37.25
CA VAL A 407 -2.77 -13.39 36.36
C VAL A 407 -1.82 -12.23 36.12
N ARG A 408 -1.14 -11.76 37.16
CA ARG A 408 -0.35 -10.54 37.07
C ARG A 408 0.80 -10.64 36.07
N GLN A 409 1.51 -11.76 36.02
CA GLN A 409 2.69 -11.86 35.18
C GLN A 409 2.36 -12.00 33.69
N ILE A 410 1.08 -12.03 33.32
CA ILE A 410 0.71 -12.13 31.92
C ILE A 410 0.76 -10.76 31.29
N ALA A 411 1.93 -10.37 30.79
CA ALA A 411 2.14 -9.08 30.15
C ALA A 411 3.42 -9.17 29.33
N PRO A 412 3.56 -8.38 28.27
CA PRO A 412 4.79 -8.42 27.49
C PRO A 412 5.98 -7.96 28.32
N GLY A 413 7.12 -8.63 28.12
CA GLY A 413 8.34 -8.27 28.81
C GLY A 413 8.49 -8.82 30.21
N GLN A 414 7.56 -9.65 30.69
CA GLN A 414 7.65 -10.22 32.02
C GLN A 414 8.62 -11.40 32.04
N THR A 415 9.04 -11.76 33.25
CA THR A 415 9.98 -12.85 33.48
C THR A 415 9.42 -13.80 34.53
N GLY A 416 9.77 -15.08 34.39
CA GLY A 416 9.30 -16.11 35.29
C GLY A 416 9.18 -17.48 34.63
N LYS A 417 8.86 -18.50 35.42
CA LYS A 417 8.72 -19.85 34.86
C LYS A 417 7.70 -19.89 33.74
N ILE A 418 6.54 -19.26 33.94
CA ILE A 418 5.58 -19.13 32.86
C ILE A 418 6.15 -18.25 31.75
N ALA A 419 6.81 -17.15 32.12
CA ALA A 419 7.29 -16.20 31.12
C ALA A 419 8.49 -16.74 30.37
N ASP A 420 9.39 -17.44 31.06
CA ASP A 420 10.62 -17.90 30.42
C ASP A 420 10.47 -19.31 29.84
N TYR A 421 9.85 -20.22 30.60
CA TYR A 421 9.83 -21.62 30.21
C TYR A 421 8.50 -22.09 29.66
N ASN A 422 7.41 -21.35 29.90
CA ASN A 422 6.10 -21.81 29.46
C ASN A 422 5.56 -20.96 28.32
N TYR A 423 5.72 -19.64 28.42
CA TYR A 423 5.02 -18.73 27.53
C TYR A 423 5.68 -17.36 27.53
N LYS A 424 6.28 -16.98 26.40
CA LYS A 424 6.95 -15.70 26.29
C LYS A 424 6.22 -14.82 25.29
N LEU A 425 5.65 -13.70 25.77
CA LEU A 425 5.07 -12.66 24.95
C LEU A 425 6.18 -11.89 24.22
N PRO A 426 5.96 -11.63 22.93
CA PRO A 426 6.90 -10.78 22.19
C PRO A 426 6.95 -9.37 22.75
N ASP A 427 8.15 -8.80 22.71
CA ASP A 427 8.33 -7.42 23.14
C ASP A 427 7.57 -6.45 22.24
N ASP A 428 7.45 -6.79 20.96
CA ASP A 428 6.74 -5.96 19.98
C ASP A 428 5.33 -6.49 19.71
N PHE A 429 4.65 -6.99 20.73
CA PHE A 429 3.32 -7.54 20.54
C PHE A 429 2.33 -6.46 20.13
N THR A 430 1.56 -6.74 19.09
CA THR A 430 0.51 -5.84 18.60
C THR A 430 -0.82 -6.54 18.78
N GLY A 431 -1.61 -6.09 19.75
CA GLY A 431 -2.88 -6.72 20.03
C GLY A 431 -3.32 -6.42 21.45
N CYS A 432 -4.04 -7.37 22.04
CA CYS A 432 -4.61 -7.20 23.37
C CYS A 432 -4.31 -8.42 24.22
N VAL A 433 -4.25 -8.21 25.54
CA VAL A 433 -4.09 -9.27 26.52
C VAL A 433 -5.24 -9.16 27.52
N ILE A 434 -5.92 -10.28 27.77
CA ILE A 434 -7.18 -10.27 28.50
C ILE A 434 -7.11 -11.32 29.60
N ALA A 435 -7.46 -10.92 30.83
CA ALA A 435 -7.53 -11.83 31.95
C ALA A 435 -8.75 -11.48 32.81
N TRP A 436 -9.32 -12.49 33.44
CA TRP A 436 -10.53 -12.24 34.23
C TRP A 436 -10.78 -13.42 35.17
N ASN A 437 -11.72 -13.20 36.09
CA ASN A 437 -12.14 -14.23 37.03
C ASN A 437 -12.91 -15.34 36.33
N SER A 438 -12.46 -16.59 36.54
CA SER A 438 -13.11 -17.79 36.04
C SER A 438 -13.18 -18.85 37.13
N ASN A 439 -13.64 -18.46 38.32
CA ASN A 439 -13.35 -19.21 39.53
C ASN A 439 -14.11 -20.53 39.61
N ASN A 440 -15.40 -20.53 39.27
CA ASN A 440 -16.28 -21.64 39.64
C ASN A 440 -16.31 -22.75 38.59
N LEU A 441 -15.21 -23.00 37.87
CA LEU A 441 -15.24 -23.87 36.72
C LEU A 441 -14.67 -25.26 36.95
N ASP A 442 -13.43 -25.39 37.43
CA ASP A 442 -12.71 -26.65 37.38
C ASP A 442 -12.50 -27.33 38.72
N SER A 443 -13.51 -27.38 39.59
CA SER A 443 -13.43 -28.12 40.84
C SER A 443 -14.19 -29.43 40.74
N LYS A 444 -13.87 -30.37 41.63
CA LYS A 444 -14.53 -31.67 41.65
C LYS A 444 -14.42 -32.26 43.04
N VAL A 445 -15.46 -33.01 43.46
CA VAL A 445 -15.46 -33.60 44.78
C VAL A 445 -14.62 -34.87 44.77
N GLY A 446 -13.48 -34.82 45.46
CA GLY A 446 -12.50 -35.88 45.40
C GLY A 446 -11.17 -35.46 44.80
N GLY A 447 -11.02 -34.19 44.44
CA GLY A 447 -9.74 -33.69 43.98
C GLY A 447 -9.59 -33.65 42.47
N ASN A 448 -9.39 -32.45 41.93
CA ASN A 448 -9.22 -32.29 40.48
C ASN A 448 -7.79 -31.83 40.22
N TYR A 449 -7.00 -32.69 39.60
CA TYR A 449 -5.57 -32.44 39.38
C TYR A 449 -5.21 -32.42 37.90
N ASN A 450 -6.02 -31.79 37.05
CA ASN A 450 -5.85 -31.95 35.61
C ASN A 450 -4.66 -31.17 35.06
N TYR A 451 -4.46 -29.93 35.49
CA TYR A 451 -3.61 -29.00 34.77
C TYR A 451 -2.18 -29.03 35.30
N LEU A 452 -1.22 -28.78 34.41
CA LEU A 452 0.21 -28.80 34.70
C LEU A 452 0.88 -27.57 34.13
N TYR A 453 2.12 -27.33 34.55
CA TYR A 453 2.93 -26.26 33.99
C TYR A 453 4.40 -26.65 34.07
N ARG A 454 5.20 -26.01 33.20
CA ARG A 454 6.60 -26.38 33.03
C ARG A 454 7.46 -25.65 34.06
N LEU A 455 8.43 -26.36 34.63
CA LEU A 455 9.41 -25.75 35.52
C LEU A 455 10.79 -25.64 34.89
N PHE A 456 11.12 -26.49 33.93
CA PHE A 456 12.46 -26.59 33.37
C PHE A 456 12.42 -26.43 31.86
N ARG A 457 13.15 -25.46 31.35
CA ARG A 457 13.42 -25.36 29.92
C ARG A 457 14.74 -24.61 29.74
N LYS A 458 15.56 -25.07 28.80
CA LYS A 458 16.90 -24.52 28.67
C LYS A 458 16.88 -23.12 28.08
N SER A 459 15.97 -22.86 27.14
N SER A 459 15.97 -22.86 27.14
CA SER A 459 15.90 -21.57 26.49
CA SER A 459 15.90 -21.57 26.47
C SER A 459 14.46 -21.08 26.48
C SER A 459 14.46 -21.09 26.47
N ASN A 460 14.31 -19.76 26.42
CA ASN A 460 12.98 -19.17 26.39
C ASN A 460 12.32 -19.41 25.04
N LEU A 461 10.99 -19.50 25.05
CA LEU A 461 10.25 -19.61 23.81
C LEU A 461 10.37 -18.32 23.01
N LYS A 462 10.53 -18.48 21.69
CA LYS A 462 10.58 -17.33 20.81
C LYS A 462 9.20 -16.70 20.75
N PRO A 463 9.10 -15.43 20.33
CA PRO A 463 7.78 -14.83 20.12
C PRO A 463 6.93 -15.69 19.20
N PHE A 464 5.77 -16.10 19.72
CA PHE A 464 4.83 -16.96 18.98
C PHE A 464 5.48 -18.30 18.62
N GLU A 465 6.10 -18.94 19.60
CA GLU A 465 6.71 -20.26 19.41
C GLU A 465 5.93 -21.33 20.15
N ARG A 466 5.98 -22.56 19.62
CA ARG A 466 5.43 -23.74 20.29
C ARG A 466 6.55 -24.73 20.52
N ASP A 467 6.66 -25.22 21.76
CA ASP A 467 7.52 -26.34 22.09
C ASP A 467 6.73 -27.32 22.94
N ILE A 468 6.56 -28.54 22.44
CA ILE A 468 5.88 -29.60 23.16
C ILE A 468 6.87 -30.49 23.91
N SER A 469 8.10 -30.02 24.09
CA SER A 469 9.14 -30.81 24.73
C SER A 469 8.71 -31.21 26.14
N THR A 470 8.77 -32.50 26.41
CA THR A 470 8.49 -33.07 27.73
C THR A 470 9.52 -34.12 28.11
N GLU A 471 10.74 -33.98 27.60
CA GLU A 471 11.79 -34.94 27.91
C GLU A 471 12.11 -34.91 29.40
N ILE A 472 12.48 -36.07 29.94
CA ILE A 472 12.88 -36.13 31.33
C ILE A 472 14.13 -35.27 31.53
N TYR A 473 13.98 -34.21 32.31
CA TYR A 473 15.04 -33.22 32.47
C TYR A 473 16.24 -33.84 33.16
N GLN A 474 17.44 -33.45 32.74
CA GLN A 474 18.68 -33.90 33.36
C GLN A 474 19.24 -32.74 34.18
N ALA A 475 19.29 -32.92 35.50
CA ALA A 475 19.84 -31.91 36.39
C ALA A 475 21.27 -32.21 36.80
N GLY A 476 21.92 -33.20 36.17
CA GLY A 476 23.28 -33.53 36.51
C GLY A 476 24.10 -34.02 35.32
N SER A 477 25.23 -34.68 35.61
CA SER A 477 26.10 -35.17 34.55
CA SER A 477 26.10 -35.17 34.55
C SER A 477 25.75 -36.57 34.09
N THR A 478 25.01 -37.33 34.87
CA THR A 478 24.64 -38.69 34.48
C THR A 478 23.40 -38.64 33.60
N PRO A 479 23.44 -39.24 32.40
CA PRO A 479 22.24 -39.24 31.54
C PRO A 479 21.09 -39.98 32.20
N CYS A 480 19.96 -39.28 32.31
CA CYS A 480 18.81 -39.82 33.03
C CYS A 480 18.16 -40.99 32.32
N ASN A 481 18.02 -40.93 30.99
CA ASN A 481 17.39 -41.98 30.20
C ASN A 481 16.00 -42.32 30.74
N GLY A 482 15.26 -41.28 31.13
CA GLY A 482 13.92 -41.48 31.65
C GLY A 482 13.84 -42.02 33.06
N VAL A 483 14.95 -42.06 33.79
CA VAL A 483 15.00 -42.57 35.15
C VAL A 483 15.38 -41.42 36.07
N GLU A 484 14.61 -41.22 37.14
CA GLU A 484 14.81 -40.08 38.02
C GLU A 484 15.60 -40.45 39.27
N GLY A 485 16.07 -39.42 39.97
CA GLY A 485 16.88 -39.60 41.15
C GLY A 485 17.55 -38.30 41.52
N PHE A 486 18.68 -38.39 42.21
CA PHE A 486 19.53 -37.22 42.35
C PHE A 486 19.93 -36.70 40.99
N ASN A 487 19.69 -35.41 40.75
CA ASN A 487 20.03 -34.73 39.51
C ASN A 487 19.29 -35.30 38.31
N CYS A 488 18.17 -35.99 38.54
CA CYS A 488 17.29 -36.48 37.47
C CYS A 488 15.86 -36.32 38.00
N TYR A 489 15.10 -35.41 37.40
CA TYR A 489 13.82 -34.99 37.93
C TYR A 489 12.78 -34.88 36.82
N PHE A 490 11.52 -35.05 37.18
CA PHE A 490 10.45 -34.94 36.21
C PHE A 490 10.14 -33.46 35.97
N PRO A 491 10.16 -32.99 34.71
CA PRO A 491 10.02 -31.55 34.47
C PRO A 491 8.61 -31.01 34.62
N LEU A 492 7.59 -31.86 34.76
CA LEU A 492 6.21 -31.41 34.82
C LEU A 492 5.61 -31.67 36.20
N GLN A 493 4.80 -30.72 36.66
CA GLN A 493 4.11 -30.82 37.94
C GLN A 493 2.64 -30.44 37.77
N SER A 494 1.76 -31.22 38.37
CA SER A 494 0.33 -31.00 38.27
C SER A 494 -0.11 -29.88 39.21
N TYR A 495 -0.87 -28.93 38.66
CA TYR A 495 -1.41 -27.86 39.49
C TYR A 495 -2.33 -28.41 40.58
N GLY A 496 -3.41 -29.07 40.17
CA GLY A 496 -4.42 -29.45 41.14
C GLY A 496 -5.16 -28.28 41.74
N PHE A 497 -5.61 -27.34 40.89
CA PHE A 497 -6.31 -26.15 41.36
C PHE A 497 -7.48 -26.53 42.25
N GLN A 498 -7.42 -26.11 43.50
CA GLN A 498 -8.39 -26.53 44.49
C GLN A 498 -9.34 -25.37 44.83
N PRO A 499 -10.64 -25.63 44.92
CA PRO A 499 -11.57 -24.55 45.33
C PRO A 499 -11.29 -23.98 46.71
N THR A 500 -10.88 -24.81 47.67
CA THR A 500 -10.55 -24.34 49.01
C THR A 500 -9.26 -23.54 49.05
N ASN A 501 -8.50 -23.53 47.96
CA ASN A 501 -7.25 -22.79 47.91
C ASN A 501 -7.53 -21.29 47.98
N GLY A 502 -6.47 -20.52 48.26
CA GLY A 502 -6.61 -19.09 48.39
C GLY A 502 -7.09 -18.43 47.11
N VAL A 503 -7.50 -17.17 47.25
CA VAL A 503 -8.08 -16.44 46.13
C VAL A 503 -7.09 -16.33 44.98
N GLY A 504 -5.83 -15.99 45.29
CA GLY A 504 -4.79 -16.00 44.28
C GLY A 504 -4.44 -17.39 43.78
N TYR A 505 -4.59 -18.40 44.62
CA TYR A 505 -4.36 -19.79 44.23
C TYR A 505 -5.44 -20.32 43.30
N GLN A 506 -6.53 -19.57 43.12
CA GLN A 506 -7.71 -20.05 42.42
C GLN A 506 -7.65 -19.70 40.94
N PRO A 507 -8.12 -20.60 40.08
CA PRO A 507 -7.86 -20.46 38.64
C PRO A 507 -8.70 -19.38 37.97
N TYR A 508 -8.02 -18.48 37.25
CA TYR A 508 -8.64 -17.39 36.51
C TYR A 508 -8.21 -17.50 35.05
N ARG A 509 -9.18 -17.45 34.13
CA ARG A 509 -8.88 -17.61 32.70
C ARG A 509 -8.27 -16.35 32.11
N VAL A 510 -7.39 -16.55 31.13
CA VAL A 510 -6.63 -15.47 30.50
C VAL A 510 -6.64 -15.71 28.99
N VAL A 511 -6.77 -14.63 28.23
CA VAL A 511 -6.81 -14.68 26.76
C VAL A 511 -5.90 -13.61 26.19
N VAL A 512 -5.18 -13.95 25.13
CA VAL A 512 -4.36 -13.01 24.38
C VAL A 512 -4.82 -13.02 22.93
N LEU A 513 -5.04 -11.85 22.36
CA LEU A 513 -5.44 -11.71 20.96
C LEU A 513 -4.26 -11.17 20.15
N SER A 514 -3.70 -12.03 19.29
CA SER A 514 -2.58 -11.65 18.42
C SER A 514 -3.14 -11.13 17.11
N PHE A 515 -2.63 -9.97 16.68
CA PHE A 515 -3.10 -9.30 15.47
C PHE A 515 -1.99 -9.31 14.44
N GLU A 516 -2.25 -9.95 13.30
CA GLU A 516 -1.26 -10.02 12.22
C GLU A 516 -1.30 -8.77 11.36
N THR A 523 -10.33 -10.58 5.79
CA THR A 523 -10.43 -11.79 6.60
C THR A 523 -11.23 -11.52 7.87
N VAL A 524 -10.77 -10.56 8.67
CA VAL A 524 -11.48 -10.13 9.87
C VAL A 524 -11.69 -8.63 9.79
N CYS A 525 -12.91 -8.20 10.12
CA CYS A 525 -13.28 -6.79 10.08
C CYS A 525 -14.40 -6.54 11.08
N GLY A 526 -14.60 -5.27 11.39
CA GLY A 526 -15.73 -4.87 12.18
C GLY A 526 -16.98 -4.74 11.33
N PRO A 527 -18.10 -4.49 11.98
CA PRO A 527 -19.39 -4.42 11.26
C PRO A 527 -19.46 -3.22 10.32
N LYS A 528 -20.38 -3.33 9.36
CA LYS A 528 -20.84 -2.34 8.37
C LYS A 528 -20.89 -3.00 7.00
N LYS A 529 -22.11 -3.14 6.46
CA LYS A 529 -22.30 -3.69 5.11
C LYS A 529 -21.85 -2.65 4.09
N SER A 530 -21.01 -3.05 3.14
CA SER A 530 -20.43 -2.13 2.18
C SER A 530 -21.51 -1.46 1.33
N THR A 531 -21.38 -0.15 1.17
CA THR A 531 -22.29 0.62 0.34
C THR A 531 -21.83 0.60 -1.12
N ASN A 532 -22.78 0.75 -2.04
CA ASN A 532 -22.45 0.82 -3.45
C ASN A 532 -21.56 2.03 -3.72
N LEU A 533 -20.87 1.99 -4.86
CA LEU A 533 -19.87 3.00 -5.19
C LEU A 533 -20.49 4.09 -6.04
N VAL A 534 -19.99 5.31 -5.88
CA VAL A 534 -20.39 6.46 -6.67
C VAL A 534 -19.14 7.10 -7.26
N LYS A 535 -19.15 7.31 -8.58
CA LYS A 535 -18.00 7.83 -9.30
C LYS A 535 -18.19 9.31 -9.61
N ASN A 536 -17.08 10.00 -9.85
CA ASN A 536 -17.05 11.39 -10.29
C ASN A 536 -17.71 12.34 -9.30
N LYS A 537 -17.86 11.92 -8.04
CA LYS A 537 -18.46 12.76 -7.03
C LYS A 537 -17.53 12.86 -5.82
N CYS A 538 -17.48 14.06 -5.25
CA CYS A 538 -16.60 14.30 -4.11
C CYS A 538 -17.14 13.59 -2.88
N VAL A 539 -16.44 12.57 -2.43
CA VAL A 539 -16.92 11.70 -1.36
C VAL A 539 -15.82 11.51 -0.32
N ASN A 540 -16.25 11.12 0.88
CA ASN A 540 -15.34 10.73 1.95
C ASN A 540 -15.33 9.21 2.00
N PHE A 541 -14.20 8.61 1.59
CA PHE A 541 -14.13 7.16 1.42
C PHE A 541 -13.44 6.50 2.61
N ASN A 542 -13.88 5.28 2.90
CA ASN A 542 -13.35 4.46 4.00
C ASN A 542 -13.22 3.04 3.47
N PHE A 543 -12.00 2.67 3.06
CA PHE A 543 -11.72 1.35 2.50
C PHE A 543 -10.93 0.55 3.52
N ASN A 544 -11.43 -0.66 3.83
CA ASN A 544 -10.72 -1.73 4.55
C ASN A 544 -9.79 -1.18 5.64
N GLY A 545 -10.27 -0.19 6.39
CA GLY A 545 -9.49 0.43 7.43
C GLY A 545 -8.76 1.69 7.03
N LEU A 546 -8.67 1.99 5.73
CA LEU A 546 -8.06 3.21 5.26
C LEU A 546 -9.15 4.23 4.95
N THR A 547 -8.92 5.48 5.35
CA THR A 547 -9.91 6.54 5.20
C THR A 547 -9.30 7.70 4.41
N GLY A 548 -10.19 8.49 3.82
CA GLY A 548 -9.75 9.67 3.09
C GLY A 548 -10.90 10.26 2.31
N THR A 549 -10.64 11.44 1.75
CA THR A 549 -11.61 12.19 0.97
C THR A 549 -11.09 12.40 -0.44
N GLY A 550 -11.99 12.47 -1.40
CA GLY A 550 -11.60 12.67 -2.78
C GLY A 550 -12.69 12.23 -3.73
N VAL A 551 -12.27 11.94 -4.95
CA VAL A 551 -13.16 11.47 -6.00
C VAL A 551 -12.69 10.10 -6.48
N LEU A 552 -13.60 9.14 -6.50
CA LEU A 552 -13.31 7.80 -7.01
C LEU A 552 -13.65 7.76 -8.50
N THR A 553 -12.71 7.27 -9.29
CA THR A 553 -12.88 7.14 -10.72
C THR A 553 -12.06 5.97 -11.24
N GLU A 554 -12.34 5.56 -12.46
CA GLU A 554 -11.63 4.44 -13.06
C GLU A 554 -10.17 4.79 -13.27
N SER A 555 -9.32 3.75 -13.26
CA SER A 555 -7.88 3.92 -13.33
C SER A 555 -7.28 2.86 -14.24
N ASN A 556 -6.05 3.13 -14.69
CA ASN A 556 -5.34 2.15 -15.57
C ASN A 556 -4.19 1.54 -14.77
N LYS A 557 -3.86 2.13 -13.62
CA LYS A 557 -2.76 1.60 -12.77
C LYS A 557 -3.15 0.21 -12.26
N LYS A 558 -2.34 -0.80 -12.57
CA LYS A 558 -2.66 -2.20 -12.18
C LYS A 558 -1.90 -2.60 -10.92
N PHE A 559 -2.58 -2.58 -9.76
CA PHE A 559 -1.96 -3.05 -8.54
C PHE A 559 -1.69 -4.54 -8.64
N LEU A 560 -0.69 -5.01 -7.91
CA LEU A 560 -0.37 -6.41 -7.96
C LEU A 560 -1.49 -7.24 -7.33
N PRO A 561 -1.81 -8.46 -7.88
CA PRO A 561 -2.95 -9.27 -7.41
C PRO A 561 -3.21 -9.35 -5.91
N PHE A 562 -2.23 -9.01 -5.08
CA PHE A 562 -2.52 -8.99 -3.66
C PHE A 562 -2.36 -7.60 -3.05
N GLN A 563 -2.01 -6.60 -3.84
CA GLN A 563 -2.01 -5.22 -3.39
C GLN A 563 -3.44 -4.73 -3.24
N GLN A 564 -3.74 -4.11 -2.10
CA GLN A 564 -5.04 -3.50 -1.88
C GLN A 564 -5.04 -1.99 -2.05
N PHE A 565 -3.93 -1.32 -1.73
CA PHE A 565 -3.80 0.11 -1.94
C PHE A 565 -2.42 0.39 -2.52
N GLY A 566 -2.35 1.45 -3.31
CA GLY A 566 -1.11 1.89 -3.92
C GLY A 566 -0.93 3.39 -3.73
N ARG A 567 0.32 3.81 -3.65
CA ARG A 567 0.66 5.19 -3.38
C ARG A 567 1.74 5.68 -4.34
N ASP A 568 1.63 6.94 -4.75
CA ASP A 568 2.64 7.58 -5.56
C ASP A 568 3.65 8.27 -4.65
N ILE A 569 4.49 9.12 -5.24
CA ILE A 569 5.46 9.88 -4.45
C ILE A 569 4.72 10.76 -3.44
N ALA A 570 5.43 11.13 -2.37
CA ALA A 570 4.89 11.94 -1.28
C ALA A 570 3.82 11.19 -0.50
N ASP A 571 3.81 9.87 -0.64
CA ASP A 571 2.93 8.97 0.10
C ASP A 571 1.46 9.44 0.01
N THR A 572 1.00 9.55 -1.23
CA THR A 572 -0.38 9.94 -1.50
C THR A 572 -1.12 8.73 -2.03
N THR A 573 -2.19 8.34 -1.32
CA THR A 573 -2.97 7.19 -1.74
C THR A 573 -3.63 7.49 -3.08
N ASP A 574 -3.00 6.96 -4.14
CA ASP A 574 -3.42 7.24 -5.55
C ASP A 574 -4.65 6.45 -5.99
N ALA A 575 -4.78 5.19 -5.58
CA ALA A 575 -5.88 4.35 -6.04
C ALA A 575 -6.12 3.23 -5.05
N VAL A 576 -7.28 2.59 -5.19
CA VAL A 576 -7.66 1.47 -4.35
C VAL A 576 -8.37 0.44 -5.21
N ARG A 577 -8.21 -0.84 -4.86
CA ARG A 577 -8.78 -1.93 -5.61
C ARG A 577 -10.03 -2.44 -4.90
N ASP A 578 -11.15 -2.46 -5.62
CA ASP A 578 -12.43 -2.71 -5.01
C ASP A 578 -12.64 -4.20 -4.75
N PRO A 579 -12.90 -4.58 -3.50
CA PRO A 579 -13.24 -5.97 -3.19
C PRO A 579 -14.59 -6.37 -3.79
N GLN A 580 -14.81 -7.69 -3.82
CA GLN A 580 -16.00 -8.34 -4.36
C GLN A 580 -16.12 -8.17 -5.86
N THR A 581 -15.28 -7.33 -6.46
CA THR A 581 -15.24 -7.16 -7.90
C THR A 581 -13.82 -7.03 -8.45
N LEU A 582 -12.82 -6.95 -7.57
CA LEU A 582 -11.41 -6.82 -7.95
C LEU A 582 -11.18 -5.66 -8.93
N GLU A 583 -12.04 -4.66 -8.93
CA GLU A 583 -11.85 -3.53 -9.82
C GLU A 583 -10.98 -2.47 -9.14
N ILE A 584 -10.31 -1.68 -9.97
CA ILE A 584 -9.36 -0.66 -9.50
C ILE A 584 -10.01 0.70 -9.70
N LEU A 585 -9.95 1.54 -8.67
CA LEU A 585 -10.53 2.88 -8.71
C LEU A 585 -9.47 3.91 -8.36
N ASP A 586 -9.35 4.92 -9.22
CA ASP A 586 -8.39 6.01 -9.00
C ASP A 586 -8.90 6.94 -7.91
N ILE A 587 -7.96 7.56 -7.20
CA ILE A 587 -8.26 8.50 -6.13
C ILE A 587 -7.79 9.88 -6.57
N THR A 588 -8.73 10.73 -6.96
CA THR A 588 -8.41 12.08 -7.43
C THR A 588 -8.95 13.10 -6.43
N PRO A 589 -8.12 14.02 -5.95
CA PRO A 589 -8.63 15.07 -5.06
C PRO A 589 -9.70 15.91 -5.73
N CYS A 590 -10.66 16.38 -4.94
CA CYS A 590 -11.74 17.21 -5.48
C CYS A 590 -11.22 18.58 -5.86
N SER A 591 -11.85 19.17 -6.87
CA SER A 591 -11.47 20.50 -7.35
C SER A 591 -12.07 21.59 -6.47
N PHE A 592 -6.71 22.83 -8.76
CA PHE A 592 -6.36 22.55 -7.36
C PHE A 592 -5.45 23.65 -6.83
N GLY A 593 -4.50 23.26 -5.99
CA GLY A 593 -3.49 24.20 -5.55
C GLY A 593 -3.45 24.26 -4.03
N GLY A 594 -2.21 24.29 -3.53
CA GLY A 594 -2.02 24.49 -2.10
C GLY A 594 -2.56 25.82 -1.63
N VAL A 595 -3.26 25.78 -0.50
CA VAL A 595 -3.89 26.96 0.07
C VAL A 595 -2.97 27.55 1.12
N SER A 596 -2.16 28.52 0.70
CA SER A 596 -1.30 29.27 1.61
C SER A 596 -1.97 30.61 1.93
N VAL A 597 -1.96 30.97 3.21
CA VAL A 597 -2.67 32.14 3.70
C VAL A 597 -1.78 33.37 3.52
N ILE A 598 -2.18 34.25 2.62
CA ILE A 598 -1.57 35.57 2.48
C ILE A 598 -2.49 36.57 3.17
N THR A 599 -2.27 36.79 4.46
CA THR A 599 -3.20 37.58 5.26
C THR A 599 -2.52 38.77 5.94
N PRO A 600 -2.99 39.98 5.66
CA PRO A 600 -2.58 41.12 6.50
C PRO A 600 -2.99 40.93 7.96
N GLY A 601 -4.13 40.30 8.19
CA GLY A 601 -4.64 40.06 9.53
C GLY A 601 -6.10 40.41 9.62
N THR A 602 -6.82 39.68 10.46
CA THR A 602 -8.25 39.92 10.65
C THR A 602 -8.53 41.24 11.36
N ASN A 603 -7.57 41.76 12.13
CA ASN A 603 -7.75 42.96 12.92
C ASN A 603 -7.99 44.21 12.08
N THR A 604 -7.28 44.37 10.97
CA THR A 604 -7.38 45.58 10.16
C THR A 604 -8.46 45.47 9.10
N SER A 605 -8.35 44.50 8.18
CA SER A 605 -9.34 44.33 7.14
C SER A 605 -9.43 42.86 6.77
N ASN A 606 -10.59 42.46 6.26
CA ASN A 606 -10.83 41.09 5.87
C ASN A 606 -10.69 40.86 4.37
N GLN A 607 -9.81 41.60 3.71
CA GLN A 607 -9.58 41.41 2.29
C GLN A 607 -8.16 40.91 2.04
N VAL A 608 -8.06 39.77 1.35
CA VAL A 608 -6.79 39.18 0.96
C VAL A 608 -6.87 38.77 -0.49
N ALA A 609 -5.80 38.15 -0.98
CA ALA A 609 -5.72 37.68 -2.36
C ALA A 609 -5.45 36.18 -2.37
N VAL A 610 -5.70 35.56 -3.53
CA VAL A 610 -5.52 34.14 -3.72
C VAL A 610 -4.39 33.94 -4.73
N LEU A 611 -3.49 33.00 -4.45
CA LEU A 611 -2.36 32.70 -5.30
C LEU A 611 -2.52 31.29 -5.87
N TYR A 612 -2.50 31.20 -7.20
CA TYR A 612 -2.56 29.91 -7.89
C TYR A 612 -1.19 29.64 -8.49
N GLN A 613 -0.47 28.68 -7.90
CA GLN A 613 0.96 28.56 -8.15
C GLN A 613 1.30 28.13 -9.57
N ASP A 614 0.70 27.07 -10.09
CA ASP A 614 1.19 26.49 -11.35
C ASP A 614 0.03 26.15 -12.27
N VAL A 615 -0.88 27.09 -12.47
CA VAL A 615 -2.02 26.87 -13.35
C VAL A 615 -2.10 28.02 -14.34
N ASN A 616 -2.58 27.71 -15.55
CA ASN A 616 -2.82 28.74 -16.55
C ASN A 616 -4.12 29.48 -16.24
N CYS A 617 -4.27 30.64 -16.86
CA CYS A 617 -5.47 31.44 -16.68
C CYS A 617 -6.58 30.97 -17.62
N THR A 618 -6.61 27.32 -15.77
CA THR A 618 -7.64 26.54 -16.44
C THR A 618 -8.98 26.65 -15.72
N GLU A 619 -9.10 27.70 -14.90
CA GLU A 619 -10.35 28.04 -14.23
C GLU A 619 -10.85 26.90 -13.34
N VAL A 620 -10.04 26.56 -12.33
CA VAL A 620 -10.35 25.59 -11.28
C VAL A 620 -11.06 24.37 -11.86
N PRO A 621 -10.47 23.78 -12.90
CA PRO A 621 -11.04 22.65 -13.62
C PRO A 621 -12.41 23.01 -14.21
N VAL A 622 -12.42 24.13 -14.93
CA VAL A 622 -13.59 24.60 -15.67
C VAL A 622 -14.79 24.84 -14.76
N ALA A 623 -14.50 25.28 -13.53
CA ALA A 623 -15.51 25.68 -12.56
C ALA A 623 -16.60 24.61 -12.39
N ILE A 624 -16.19 23.46 -11.85
CA ILE A 624 -17.13 22.37 -11.63
C ILE A 624 -18.25 22.78 -10.68
N HIS A 625 -17.91 23.47 -9.60
CA HIS A 625 -18.93 23.92 -8.67
C HIS A 625 -19.71 25.11 -9.23
N ALA A 626 -19.01 26.20 -9.52
CA ALA A 626 -19.60 27.40 -10.12
C ALA A 626 -20.61 28.07 -9.20
N ASP A 627 -20.77 27.55 -7.99
CA ASP A 627 -21.66 28.11 -6.99
C ASP A 627 -20.85 29.06 -6.10
N GLN A 628 -21.36 29.52 -4.95
CA GLN A 628 -20.61 30.38 -4.04
C GLN A 628 -20.16 31.66 -4.73
N LEU A 629 -21.14 32.45 -5.13
CA LEU A 629 -20.91 33.69 -5.88
C LEU A 629 -20.14 33.41 -7.17
N THR A 630 -20.57 32.37 -7.89
CA THR A 630 -19.94 31.95 -9.15
C THR A 630 -18.45 31.68 -8.94
N PRO A 631 -18.16 30.73 -8.05
CA PRO A 631 -16.79 30.38 -7.68
C PRO A 631 -16.03 31.62 -7.19
N THR A 632 -16.69 32.40 -6.34
CA THR A 632 -16.14 33.64 -5.80
C THR A 632 -15.70 34.58 -6.92
N TRP A 633 -16.67 34.97 -7.75
CA TRP A 633 -16.44 35.84 -8.91
C TRP A 633 -15.36 35.23 -9.82
N ARG A 634 -15.43 33.91 -9.99
CA ARG A 634 -14.49 33.17 -10.84
C ARG A 634 -13.04 33.41 -10.41
N SER A 640 -11.91 40.42 -11.34
CA SER A 640 -11.97 41.34 -12.48
C SER A 640 -10.73 41.20 -13.36
N ASN A 641 -9.63 41.81 -12.91
CA ASN A 641 -8.39 41.80 -13.66
C ASN A 641 -7.71 40.44 -13.53
N VAL A 642 -7.20 39.94 -14.66
CA VAL A 642 -6.50 38.67 -14.72
C VAL A 642 -5.04 38.96 -15.03
N PHE A 643 -4.16 38.56 -14.12
CA PHE A 643 -2.74 38.86 -14.22
C PHE A 643 -1.95 37.56 -14.13
N GLN A 644 -1.56 37.02 -15.29
CA GLN A 644 -0.75 35.81 -15.34
C GLN A 644 0.70 36.17 -15.00
N THR A 645 1.25 35.52 -13.98
CA THR A 645 2.60 35.79 -13.53
C THR A 645 3.46 34.56 -13.72
N ARG A 646 4.78 34.75 -13.60
CA ARG A 646 5.70 33.63 -13.52
C ARG A 646 5.47 32.79 -12.27
N ALA A 647 4.87 33.38 -11.23
CA ALA A 647 4.48 32.65 -10.03
C ALA A 647 3.12 31.99 -10.15
N GLY A 648 2.41 32.20 -11.25
CA GLY A 648 1.14 31.55 -11.49
C GLY A 648 0.12 32.53 -12.04
N CYS A 649 -1.15 32.13 -11.95
CA CYS A 649 -2.26 32.90 -12.49
C CYS A 649 -3.00 33.58 -11.34
N LEU A 650 -3.31 34.85 -11.51
CA LEU A 650 -3.97 35.66 -10.48
C LEU A 650 -5.25 36.26 -11.04
N ILE A 651 -6.31 36.24 -10.23
CA ILE A 651 -7.63 36.75 -10.63
C ILE A 651 -7.99 37.91 -9.74
N GLY A 652 -8.42 39.03 -10.35
CA GLY A 652 -9.00 40.14 -9.64
C GLY A 652 -8.04 41.25 -9.26
N ALA A 653 -6.82 40.93 -8.86
CA ALA A 653 -5.88 41.93 -8.37
C ALA A 653 -5.22 42.67 -9.53
N GLU A 654 -5.16 43.98 -9.41
CA GLU A 654 -4.57 44.82 -10.44
C GLU A 654 -3.04 44.68 -10.45
N HIS A 655 -2.45 44.69 -11.64
CA HIS A 655 -1.01 44.78 -11.77
C HIS A 655 -0.62 46.23 -12.01
N VAL A 656 0.37 46.71 -11.26
CA VAL A 656 0.78 48.11 -11.29
C VAL A 656 2.10 48.20 -12.04
N ASN A 657 2.19 49.17 -12.96
CA ASN A 657 3.36 49.29 -13.81
C ASN A 657 4.63 49.55 -13.01
N ASN A 658 4.60 50.52 -12.09
CA ASN A 658 5.77 50.83 -11.29
C ASN A 658 5.91 49.84 -10.14
N SER A 659 7.10 49.78 -9.57
CA SER A 659 7.42 48.80 -8.55
C SER A 659 7.58 49.46 -7.19
N TYR A 660 7.33 48.68 -6.14
CA TYR A 660 7.30 49.18 -4.78
C TYR A 660 8.16 48.26 -3.90
N GLU A 661 8.51 48.75 -2.71
CA GLU A 661 9.23 47.93 -1.76
C GLU A 661 8.36 46.77 -1.31
N CYS A 662 8.98 45.59 -1.21
CA CYS A 662 8.22 44.38 -0.93
C CYS A 662 7.56 44.44 0.44
N ASP A 663 6.28 44.08 0.48
CA ASP A 663 5.54 44.00 1.76
C ASP A 663 5.14 42.56 2.05
N ILE A 664 4.40 41.91 1.15
CA ILE A 664 4.03 40.51 1.31
C ILE A 664 4.22 39.83 -0.04
N PRO A 665 5.23 38.98 -0.21
CA PRO A 665 5.52 38.42 -1.53
C PRO A 665 4.48 37.40 -1.96
N ILE A 666 4.36 37.24 -3.28
CA ILE A 666 3.53 36.19 -3.88
C ILE A 666 4.39 35.23 -4.70
N GLY A 667 5.55 35.70 -5.15
CA GLY A 667 6.45 34.89 -5.95
C GLY A 667 6.80 35.61 -7.24
N ALA A 668 7.93 35.20 -7.83
CA ALA A 668 8.39 35.70 -9.13
C ALA A 668 8.65 37.20 -9.09
N GLY A 669 9.01 37.72 -7.91
CA GLY A 669 9.39 39.11 -7.78
C GLY A 669 8.28 40.07 -7.45
N ILE A 670 7.09 39.58 -7.11
CA ILE A 670 5.93 40.44 -6.90
C ILE A 670 5.49 40.33 -5.45
N CYS A 671 5.29 41.49 -4.80
CA CYS A 671 4.82 41.55 -3.43
C CYS A 671 3.57 42.41 -3.34
N ALA A 672 3.04 42.52 -2.13
CA ALA A 672 1.84 43.31 -1.90
C ALA A 672 1.91 44.03 -0.55
N VAL A 684 -1.92 46.81 0.20
CA VAL A 684 -3.23 47.46 0.06
C VAL A 684 -3.05 48.95 -0.22
N ALA A 685 -3.86 49.47 -1.14
CA ALA A 685 -3.84 50.87 -1.51
C ALA A 685 -5.08 51.18 -2.33
N SER A 686 -5.44 52.46 -2.39
CA SER A 686 -6.66 52.90 -3.05
C SER A 686 -7.86 52.13 -2.51
N GLN A 687 -7.89 51.96 -1.19
CA GLN A 687 -8.85 51.10 -0.47
C GLN A 687 -9.16 49.82 -1.24
N SER A 688 -8.13 49.13 -1.70
CA SER A 688 -8.30 47.92 -2.49
C SER A 688 -7.03 47.09 -2.43
N ILE A 689 -7.17 45.81 -2.77
CA ILE A 689 -6.04 44.89 -2.79
C ILE A 689 -5.14 45.24 -3.96
N ILE A 690 -3.83 45.32 -3.70
CA ILE A 690 -2.86 45.76 -4.70
C ILE A 690 -1.77 44.71 -4.85
N ALA A 691 -1.11 44.73 -6.01
CA ALA A 691 0.02 43.87 -6.31
C ALA A 691 1.06 44.65 -7.07
N TYR A 692 2.34 44.36 -6.81
CA TYR A 692 3.43 45.10 -7.43
C TYR A 692 4.71 44.29 -7.33
N THR A 693 5.63 44.59 -8.25
CA THR A 693 6.94 43.94 -8.27
C THR A 693 7.79 44.46 -7.11
N MET A 694 8.48 43.55 -6.44
CA MET A 694 9.35 43.95 -5.33
C MET A 694 10.55 44.72 -5.85
N SER A 695 11.01 45.67 -5.05
CA SER A 695 12.24 46.39 -5.35
C SER A 695 13.41 45.77 -4.60
N LEU A 696 14.61 45.97 -5.13
CA LEU A 696 15.82 45.45 -4.51
C LEU A 696 16.49 46.46 -3.58
N GLY A 697 15.91 47.64 -3.41
CA GLY A 697 16.48 48.65 -2.55
C GLY A 697 16.29 50.07 -3.09
N GLU B 1 13.54 -6.02 -34.54
CA GLU B 1 13.93 -6.85 -33.41
C GLU B 1 14.04 -6.02 -32.14
N VAL B 2 13.45 -6.53 -31.05
CA VAL B 2 13.54 -5.83 -29.77
C VAL B 2 14.91 -6.04 -29.18
N GLN B 3 15.56 -4.94 -28.78
CA GLN B 3 16.96 -4.99 -28.35
C GLN B 3 17.16 -3.92 -27.29
N LEU B 4 17.58 -4.35 -26.10
CA LEU B 4 17.89 -3.44 -25.00
C LEU B 4 19.41 -3.37 -24.85
N VAL B 5 20.03 -2.48 -25.62
CA VAL B 5 21.44 -2.18 -25.43
C VAL B 5 21.57 -1.38 -24.15
N GLU B 6 22.67 -1.59 -23.43
CA GLU B 6 22.95 -0.83 -22.23
C GLU B 6 24.21 0.01 -22.44
N SER B 7 24.21 1.21 -21.87
CA SER B 7 25.40 2.05 -21.88
C SER B 7 25.43 2.82 -20.56
N GLY B 8 26.63 3.28 -20.19
CA GLY B 8 26.84 3.96 -18.94
C GLY B 8 27.49 3.12 -17.86
N GLY B 9 27.58 1.81 -18.05
CA GLY B 9 28.27 0.98 -17.08
C GLY B 9 29.76 1.20 -17.09
N GLY B 10 30.38 0.97 -15.93
CA GLY B 10 31.80 1.15 -15.81
C GLY B 10 32.23 1.14 -14.35
N LEU B 11 33.37 1.77 -14.09
CA LEU B 11 33.96 1.83 -12.76
C LEU B 11 33.57 3.15 -12.10
N VAL B 12 33.15 3.06 -10.84
CA VAL B 12 32.78 4.24 -10.06
C VAL B 12 33.30 4.07 -8.64
N GLN B 13 33.73 5.18 -8.03
CA GLN B 13 34.21 5.14 -6.67
C GLN B 13 33.06 4.97 -5.69
N PRO B 14 33.33 4.48 -4.48
CA PRO B 14 32.27 4.38 -3.47
C PRO B 14 31.65 5.74 -3.18
N GLY B 15 30.33 5.76 -3.06
CA GLY B 15 29.61 6.99 -2.84
C GLY B 15 29.39 7.84 -4.08
N GLY B 16 29.82 7.37 -5.25
CA GLY B 16 29.71 8.12 -6.47
C GLY B 16 28.31 8.11 -7.05
N SER B 17 28.18 8.71 -8.23
CA SER B 17 26.91 8.80 -8.93
C SER B 17 27.09 8.37 -10.37
N LEU B 18 26.03 7.81 -10.95
CA LEU B 18 26.06 7.34 -12.32
C LEU B 18 24.65 7.23 -12.85
N ARG B 19 24.49 7.43 -14.16
CA ARG B 19 23.23 7.24 -14.85
C ARG B 19 23.42 6.18 -15.92
N LEU B 20 22.62 5.12 -15.85
CA LEU B 20 22.70 4.03 -16.80
C LEU B 20 21.66 4.21 -17.89
N SER B 21 22.04 3.86 -19.12
CA SER B 21 21.16 4.04 -20.26
C SER B 21 20.81 2.68 -20.85
N CYS B 22 19.52 2.48 -21.13
CA CYS B 22 19.03 1.28 -21.78
C CYS B 22 18.09 1.71 -22.91
N ALA B 23 18.65 1.87 -24.11
CA ALA B 23 17.83 2.19 -25.26
C ALA B 23 16.90 1.02 -25.58
N ALA B 24 15.66 1.36 -25.93
CA ALA B 24 14.64 0.37 -26.23
C ALA B 24 14.21 0.53 -27.68
N SER B 25 14.16 -0.59 -28.40
CA SER B 25 13.80 -0.58 -29.80
C SER B 25 12.89 -1.76 -30.09
N GLY B 26 12.13 -1.67 -31.17
CA GLY B 26 11.24 -2.73 -31.59
C GLY B 26 9.89 -2.76 -30.90
N PHE B 27 9.64 -1.84 -29.98
CA PHE B 27 8.38 -1.82 -29.25
C PHE B 27 8.16 -0.43 -28.66
N THR B 28 6.95 -0.20 -28.17
CA THR B 28 6.59 1.09 -27.59
C THR B 28 7.11 1.16 -26.16
N PHE B 29 8.27 1.79 -25.99
CA PHE B 29 8.85 1.92 -24.65
C PHE B 29 8.00 2.80 -23.74
N SER B 30 7.07 3.56 -24.32
CA SER B 30 6.25 4.47 -23.53
C SER B 30 4.94 3.86 -23.08
N SER B 31 4.71 2.57 -23.33
CA SER B 31 3.44 1.93 -22.97
C SER B 31 3.62 0.61 -22.24
N TYR B 32 4.85 0.13 -22.10
CA TYR B 32 5.11 -1.12 -21.41
C TYR B 32 5.91 -0.86 -20.13
N TYR B 33 5.46 -1.55 -19.07
CA TYR B 33 6.15 -1.51 -17.77
C TYR B 33 7.62 -1.88 -18.03
N MET B 34 8.54 -1.23 -17.32
CA MET B 34 9.94 -1.51 -17.52
C MET B 34 10.63 -1.54 -16.15
N HIS B 35 11.62 -2.40 -15.99
CA HIS B 35 12.17 -2.70 -14.67
C HIS B 35 13.69 -2.54 -14.64
N TRP B 36 14.24 -2.65 -13.42
CA TRP B 36 15.65 -2.85 -13.18
C TRP B 36 15.84 -4.00 -12.20
N VAL B 37 16.81 -4.86 -12.48
CA VAL B 37 17.14 -5.98 -11.60
C VAL B 37 18.67 -6.09 -11.53
N ARG B 38 19.17 -6.49 -10.37
CA ARG B 38 20.60 -6.66 -10.17
C ARG B 38 20.88 -8.06 -9.64
N GLN B 39 22.07 -8.56 -9.97
CA GLN B 39 22.48 -9.91 -9.59
C GLN B 39 23.95 -9.86 -9.19
N ALA B 40 24.21 -10.14 -7.91
CA ALA B 40 25.55 -9.97 -7.36
C ALA B 40 26.53 -10.94 -8.02
N PRO B 41 27.81 -10.56 -8.14
CA PRO B 41 28.79 -11.42 -8.78
C PRO B 41 28.84 -12.79 -8.14
N GLY B 42 28.42 -13.81 -8.88
CA GLY B 42 28.39 -15.17 -8.39
C GLY B 42 27.21 -15.49 -7.49
N LYS B 43 26.32 -14.55 -7.24
CA LYS B 43 25.18 -14.75 -6.36
C LYS B 43 23.89 -14.64 -7.17
N GLY B 44 22.75 -14.68 -6.45
CA GLY B 44 21.45 -14.68 -7.08
C GLY B 44 21.01 -13.30 -7.54
N LEU B 45 19.76 -13.23 -7.98
CA LEU B 45 19.20 -11.97 -8.45
C LEU B 45 18.51 -11.22 -7.32
N GLU B 46 18.32 -9.91 -7.53
CA GLU B 46 17.69 -9.04 -6.57
C GLU B 46 16.96 -7.93 -7.31
N TRP B 47 15.68 -7.73 -6.97
CA TRP B 47 14.88 -6.70 -7.61
C TRP B 47 15.33 -5.31 -7.17
N VAL B 48 15.24 -4.34 -8.08
CA VAL B 48 15.73 -2.99 -7.81
C VAL B 48 14.62 -1.98 -7.89
N SER B 49 14.09 -1.74 -9.09
CA SER B 49 13.08 -0.67 -9.24
C SER B 49 12.26 -0.91 -10.51
N ALA B 50 11.20 -0.13 -10.72
CA ALA B 50 10.33 -0.30 -11.91
C ALA B 50 9.51 0.97 -12.17
N ILE B 51 9.01 1.13 -13.40
CA ILE B 51 8.09 2.28 -13.72
C ILE B 51 6.71 1.66 -13.82
N SER B 52 5.79 1.95 -12.89
CA SER B 52 4.49 1.21 -12.86
C SER B 52 3.70 1.36 -14.16
N GLY B 53 3.54 2.57 -14.68
CA GLY B 53 2.88 2.75 -15.99
C GLY B 53 3.81 3.52 -16.89
N SER B 54 4.35 2.88 -17.94
CA SER B 54 5.39 3.59 -18.72
C SER B 54 4.89 5.00 -19.02
N GLY B 55 5.73 6.01 -18.76
CA GLY B 55 5.30 7.41 -18.92
C GLY B 55 4.94 8.02 -17.57
N GLY B 56 4.94 7.25 -16.47
CA GLY B 56 4.63 7.92 -15.19
C GLY B 56 4.86 7.03 -13.99
N TYR B 57 4.20 7.34 -12.87
CA TYR B 57 4.24 6.46 -11.65
C TYR B 57 5.65 6.35 -11.06
N THR B 58 5.81 5.48 -10.06
CA THR B 58 7.14 5.24 -9.44
C THR B 58 7.12 3.90 -8.70
N TYR B 59 8.30 3.34 -8.39
CA TYR B 59 8.39 2.08 -7.61
C TYR B 59 9.85 1.82 -7.23
N TYR B 60 10.17 1.84 -5.93
CA TYR B 60 11.54 1.63 -5.50
C TYR B 60 11.65 0.43 -4.57
N ALA B 61 12.88 -0.02 -4.40
CA ALA B 61 13.21 -0.99 -3.36
C ALA B 61 13.72 -0.28 -2.12
N ASP B 62 13.49 -0.90 -0.96
CA ASP B 62 14.03 -0.38 0.29
C ASP B 62 15.55 -0.43 0.31
N SER B 63 16.15 -1.44 -0.32
CA SER B 63 17.59 -1.50 -0.44
C SER B 63 18.15 -0.42 -1.37
N VAL B 64 17.29 0.26 -2.12
CA VAL B 64 17.71 1.38 -2.94
C VAL B 64 16.91 2.62 -2.54
N LYS B 65 16.09 2.48 -1.49
CA LYS B 65 15.25 3.59 -1.05
C LYS B 65 16.11 4.77 -0.63
N GLY B 66 15.77 5.96 -1.12
CA GLY B 66 16.50 7.16 -0.83
C GLY B 66 17.86 7.23 -1.47
N ARG B 67 18.66 6.17 -1.35
CA ARG B 67 20.00 6.13 -1.93
C ARG B 67 19.98 6.15 -3.44
N PHE B 68 19.01 5.49 -4.08
CA PHE B 68 19.01 5.32 -5.52
C PHE B 68 17.66 5.72 -6.11
N THR B 69 17.70 6.29 -7.31
CA THR B 69 16.54 6.88 -7.96
C THR B 69 16.38 6.30 -9.36
N ILE B 70 15.15 5.96 -9.73
CA ILE B 70 14.81 5.46 -11.05
C ILE B 70 14.12 6.57 -11.83
N SER B 71 14.36 6.58 -13.13
CA SER B 71 13.69 7.55 -14.00
C SER B 71 13.68 7.01 -15.42
N ARG B 72 12.69 7.45 -16.19
CA ARG B 72 12.55 7.10 -17.60
C ARG B 72 12.56 8.38 -18.40
N ASP B 73 12.29 8.26 -19.71
CA ASP B 73 12.12 9.42 -20.58
C ASP B 73 11.17 9.08 -21.70
N ASN B 74 10.54 10.11 -22.25
CA ASN B 74 9.65 9.97 -23.39
C ASN B 74 10.40 10.18 -24.71
N SER B 75 9.66 10.34 -25.80
CA SER B 75 10.22 10.63 -27.12
C SER B 75 11.22 9.58 -27.55
N LYS B 76 12.51 9.86 -27.34
CA LYS B 76 13.57 8.95 -27.79
C LYS B 76 13.51 7.59 -27.11
N ASN B 77 12.65 7.44 -26.10
CA ASN B 77 12.39 6.14 -25.47
C ASN B 77 13.65 5.52 -24.88
N THR B 78 14.22 6.19 -23.88
CA THR B 78 15.40 5.69 -23.20
C THR B 78 15.11 5.55 -21.71
N LEU B 79 15.83 4.64 -21.08
CA LEU B 79 15.65 4.32 -19.66
C LEU B 79 16.89 4.74 -18.89
N TYR B 80 16.70 5.16 -17.65
CA TYR B 80 17.80 5.64 -16.83
C TYR B 80 17.76 5.00 -15.45
N LEU B 81 18.94 4.90 -14.84
CA LEU B 81 19.10 4.35 -13.51
C LEU B 81 20.08 5.22 -12.74
N GLN B 82 19.57 6.13 -11.92
CA GLN B 82 20.40 7.08 -11.19
C GLN B 82 20.83 6.48 -9.87
N MET B 83 22.13 6.30 -9.71
CA MET B 83 22.74 5.76 -8.50
C MET B 83 23.37 6.90 -7.70
N ASN B 84 23.12 6.93 -6.40
CA ASN B 84 23.70 7.91 -5.51
C ASN B 84 24.20 7.23 -4.25
N SER B 85 25.37 7.64 -3.79
CA SER B 85 25.98 7.13 -2.56
C SER B 85 26.14 5.60 -2.64
N LEU B 86 26.92 5.16 -3.62
CA LEU B 86 27.11 3.75 -3.88
C LEU B 86 27.93 3.09 -2.78
N ARG B 87 27.69 1.79 -2.59
CA ARG B 87 28.33 0.99 -1.57
C ARG B 87 29.00 -0.23 -2.21
N ALA B 88 29.78 -0.95 -1.39
CA ALA B 88 30.47 -2.14 -1.88
C ALA B 88 29.50 -3.23 -2.29
N GLU B 89 28.43 -3.42 -1.52
CA GLU B 89 27.42 -4.42 -1.87
C GLU B 89 26.65 -4.07 -3.12
N ASP B 90 26.71 -2.81 -3.56
CA ASP B 90 26.07 -2.39 -4.79
C ASP B 90 26.72 -2.99 -6.03
N THR B 91 27.94 -3.51 -5.90
CA THR B 91 28.64 -4.10 -7.02
C THR B 91 27.87 -5.30 -7.55
N ALA B 92 27.50 -5.25 -8.83
CA ALA B 92 26.80 -6.34 -9.48
C ALA B 92 26.66 -6.00 -10.96
N VAL B 93 26.45 -7.04 -11.77
CA VAL B 93 26.03 -6.88 -13.15
C VAL B 93 24.56 -6.47 -13.13
N TYR B 94 24.22 -5.45 -13.89
CA TYR B 94 22.87 -4.88 -13.86
C TYR B 94 22.19 -5.13 -15.19
N TYR B 95 20.89 -5.43 -15.12
CA TYR B 95 20.08 -5.65 -16.31
C TYR B 95 18.95 -4.64 -16.32
N CYS B 96 18.88 -3.84 -17.38
CA CYS B 96 17.72 -2.98 -17.60
C CYS B 96 16.54 -3.91 -17.85
N ALA B 97 15.71 -4.08 -16.84
CA ALA B 97 14.80 -5.21 -16.80
C ALA B 97 13.46 -4.83 -17.39
N ARG B 98 12.71 -5.86 -17.74
CA ARG B 98 11.55 -5.80 -18.62
C ARG B 98 10.23 -5.82 -17.85
N ASP B 99 9.11 -5.93 -18.55
CA ASP B 99 7.82 -6.01 -17.88
C ASP B 99 6.61 -5.94 -18.79
N ARG B 100 5.59 -6.76 -18.49
CA ARG B 100 4.31 -6.77 -19.19
C ARG B 100 3.16 -6.97 -18.21
N ASP B 101 3.43 -6.82 -16.91
CA ASP B 101 2.44 -7.08 -15.83
C ASP B 101 1.10 -6.39 -16.05
N HIS B 102 1.07 -5.21 -16.67
CA HIS B 102 -0.20 -4.44 -16.77
C HIS B 102 -1.25 -5.24 -17.53
N ALA B 103 -0.84 -5.97 -18.59
CA ALA B 103 -1.78 -6.77 -19.39
C ALA B 103 -2.02 -8.13 -18.72
N TYR B 104 -2.72 -9.03 -19.43
CA TYR B 104 -3.13 -10.33 -18.85
C TYR B 104 -1.88 -11.13 -18.46
N ASP B 105 -0.83 -11.07 -19.28
CA ASP B 105 0.44 -11.74 -18.90
C ASP B 105 0.94 -11.09 -17.61
N TRP B 106 1.33 -11.93 -16.64
CA TRP B 106 1.76 -11.43 -15.32
C TRP B 106 3.29 -11.46 -15.21
N GLY B 107 3.97 -11.73 -16.33
CA GLY B 107 5.46 -11.84 -16.31
C GLY B 107 6.09 -10.62 -16.95
N PHE B 108 7.38 -10.70 -17.29
CA PHE B 108 8.07 -9.54 -17.86
C PHE B 108 8.27 -9.76 -19.37
N ASP B 109 8.93 -8.80 -20.04
CA ASP B 109 8.78 -8.67 -21.49
C ASP B 109 9.89 -9.35 -22.31
N VAL B 110 11.14 -8.88 -22.22
CA VAL B 110 12.16 -9.14 -23.24
C VAL B 110 13.46 -9.75 -22.67
N TRP B 111 13.99 -9.18 -21.58
CA TRP B 111 15.37 -9.41 -21.13
C TRP B 111 16.47 -8.96 -22.07
N GLY B 112 16.69 -7.65 -22.19
CA GLY B 112 17.96 -7.19 -22.74
C GLY B 112 19.15 -7.79 -22.02
N GLN B 113 20.34 -7.68 -22.61
CA GLN B 113 21.47 -8.51 -22.19
C GLN B 113 22.03 -8.12 -20.83
N GLY B 114 22.12 -6.84 -20.52
CA GLY B 114 22.61 -6.44 -19.21
C GLY B 114 24.12 -6.32 -19.18
N THR B 115 24.62 -5.38 -18.38
CA THR B 115 26.02 -5.01 -18.38
C THR B 115 26.53 -4.88 -16.95
N LEU B 116 27.81 -5.17 -16.77
CA LEU B 116 28.47 -5.18 -15.47
C LEU B 116 28.51 -3.78 -14.88
N VAL B 117 28.42 -3.68 -13.56
CA VAL B 117 28.69 -2.47 -12.82
C VAL B 117 29.57 -2.83 -11.64
N THR B 118 30.67 -2.09 -11.45
CA THR B 118 31.64 -2.38 -10.40
C THR B 118 31.95 -1.10 -9.64
N VAL B 119 32.05 -1.21 -8.32
CA VAL B 119 32.42 -0.11 -7.45
C VAL B 119 33.68 -0.54 -6.70
N SER B 120 34.82 0.07 -7.03
CA SER B 120 36.07 -0.29 -6.40
C SER B 120 37.02 0.89 -6.46
N SER B 121 38.04 0.86 -5.60
CA SER B 121 39.05 1.90 -5.55
C SER B 121 40.21 1.65 -6.51
N ALA B 122 40.25 0.49 -7.16
CA ALA B 122 41.32 0.20 -8.11
C ALA B 122 41.12 1.00 -9.39
N SER B 123 42.16 1.01 -10.22
CA SER B 123 42.12 1.71 -11.50
C SER B 123 42.07 0.72 -12.65
N THR B 124 41.49 1.18 -13.76
CA THR B 124 41.45 0.36 -14.97
C THR B 124 42.86 0.20 -15.52
N LYS B 125 43.25 -1.05 -15.77
CA LYS B 125 44.59 -1.34 -16.24
C LYS B 125 44.52 -2.13 -17.55
N GLY B 126 45.32 -1.72 -18.51
CA GLY B 126 45.42 -2.43 -19.76
C GLY B 126 45.87 -3.87 -19.56
N PRO B 127 45.25 -4.79 -20.29
CA PRO B 127 45.62 -6.20 -20.16
C PRO B 127 47.05 -6.47 -20.60
N SER B 128 47.69 -7.35 -19.86
CA SER B 128 49.04 -7.83 -20.18
C SER B 128 48.92 -9.19 -20.85
N VAL B 129 49.12 -9.22 -22.17
CA VAL B 129 48.99 -10.44 -22.95
C VAL B 129 50.28 -11.24 -22.79
N PHE B 130 50.14 -12.52 -22.43
CA PHE B 130 51.28 -13.41 -22.22
C PHE B 130 51.16 -14.60 -23.17
N PRO B 131 52.27 -15.05 -23.76
CA PRO B 131 52.19 -16.22 -24.63
C PRO B 131 52.07 -17.50 -23.83
N LEU B 132 51.55 -18.53 -24.49
CA LEU B 132 51.51 -19.90 -23.97
C LEU B 132 51.88 -20.85 -25.10
N ALA B 133 53.16 -21.15 -25.19
CA ALA B 133 53.70 -22.04 -26.20
C ALA B 133 53.49 -23.50 -25.80
N PRO B 134 53.47 -24.42 -26.75
CA PRO B 134 53.51 -25.84 -26.38
C PRO B 134 54.94 -26.27 -26.13
N SER B 135 55.16 -27.53 -25.75
CA SER B 135 56.52 -28.04 -25.65
C SER B 135 57.05 -28.36 -27.04
N SER B 136 58.31 -28.05 -27.28
CA SER B 136 58.95 -28.51 -28.51
C SER B 136 58.99 -30.04 -28.55
N LYS B 137 58.94 -30.67 -27.38
CA LYS B 137 58.89 -32.12 -27.24
C LYS B 137 57.47 -32.60 -26.89
N SER B 138 56.47 -31.75 -27.10
CA SER B 138 55.10 -32.10 -26.73
C SER B 138 54.56 -33.18 -27.65
N THR B 139 54.70 -34.43 -27.23
CA THR B 139 54.13 -35.58 -27.92
C THR B 139 53.33 -36.46 -26.95
N SER B 140 52.96 -35.89 -25.80
CA SER B 140 52.12 -36.63 -24.85
C SER B 140 50.80 -37.05 -25.47
N GLY B 141 50.38 -36.35 -26.52
CA GLY B 141 49.19 -36.74 -27.26
C GLY B 141 49.06 -35.89 -28.49
N GLY B 142 48.15 -36.30 -29.37
CA GLY B 142 47.84 -35.49 -30.54
C GLY B 142 47.31 -34.12 -30.22
N THR B 143 46.58 -34.00 -29.12
CA THR B 143 46.08 -32.72 -28.62
C THR B 143 47.26 -31.90 -28.13
N ALA B 144 47.41 -30.70 -28.67
CA ALA B 144 48.41 -29.75 -28.22
C ALA B 144 47.73 -28.47 -27.77
N ALA B 145 48.12 -27.98 -26.60
CA ALA B 145 47.45 -26.88 -25.93
C ALA B 145 48.26 -25.60 -26.02
N LEU B 146 47.60 -24.50 -26.37
CA LEU B 146 48.17 -23.17 -26.32
C LEU B 146 47.08 -22.19 -25.91
N GLY B 147 47.50 -21.01 -25.47
CA GLY B 147 46.54 -19.96 -25.16
C GLY B 147 47.18 -18.60 -25.24
N CYS B 148 46.62 -17.77 -26.10
CA CYS B 148 47.17 -16.44 -26.35
C CYS B 148 46.77 -15.62 -25.13
N LEU B 149 47.50 -15.86 -24.03
CA LEU B 149 47.01 -15.68 -22.66
C LEU B 149 46.96 -14.19 -22.32
N VAL B 150 46.02 -13.83 -21.46
CA VAL B 150 45.89 -12.46 -20.97
C VAL B 150 46.01 -12.48 -19.45
N LYS B 151 46.69 -11.48 -18.90
CA LYS B 151 46.88 -11.34 -17.47
C LYS B 151 46.78 -9.88 -17.07
N ASP B 152 46.47 -9.64 -15.79
CA ASP B 152 46.48 -8.31 -15.17
C ASP B 152 45.65 -7.32 -15.98
N TYR B 153 44.36 -7.61 -16.10
CA TYR B 153 43.43 -6.75 -16.81
C TYR B 153 42.28 -6.40 -15.89
N PHE B 154 41.46 -5.45 -16.34
CA PHE B 154 40.25 -5.08 -15.61
C PHE B 154 39.30 -4.32 -16.54
N PRO B 155 38.09 -4.83 -16.80
CA PRO B 155 37.56 -6.17 -16.58
C PRO B 155 37.65 -7.08 -17.80
N GLU B 156 36.90 -8.18 -17.77
CA GLU B 156 36.75 -9.10 -18.90
C GLU B 156 36.10 -8.39 -20.10
N PRO B 157 35.97 -9.07 -21.26
CA PRO B 157 36.45 -10.35 -21.79
C PRO B 157 37.52 -10.26 -22.86
N VAL B 158 37.97 -11.42 -23.34
CA VAL B 158 38.84 -11.55 -24.51
C VAL B 158 38.46 -12.81 -25.28
N THR B 159 39.20 -13.06 -26.36
CA THR B 159 39.07 -14.29 -27.14
C THR B 159 40.42 -14.98 -27.20
N VAL B 160 40.50 -16.12 -27.89
CA VAL B 160 41.69 -16.95 -27.91
C VAL B 160 41.96 -17.48 -29.31
N SER B 161 43.23 -17.41 -29.73
CA SER B 161 43.76 -18.09 -30.91
C SER B 161 45.26 -17.77 -30.98
N TRP B 162 45.97 -18.28 -32.00
CA TRP B 162 47.44 -18.17 -31.99
C TRP B 162 48.07 -18.08 -33.38
N ASN B 163 49.19 -17.36 -33.48
CA ASN B 163 50.31 -17.71 -34.39
C ASN B 163 50.00 -17.56 -35.88
N SER B 164 49.67 -16.34 -36.32
CA SER B 164 50.16 -15.77 -37.60
C SER B 164 49.49 -16.27 -38.90
N GLY B 165 48.19 -16.58 -38.90
CA GLY B 165 47.36 -16.33 -40.07
C GLY B 165 46.44 -17.41 -40.63
N ALA B 166 46.87 -18.68 -40.77
CA ALA B 166 46.07 -19.57 -41.61
C ALA B 166 46.01 -21.03 -41.14
N LEU B 167 45.83 -21.32 -39.85
CA LEU B 167 45.85 -22.70 -39.36
C LEU B 167 44.69 -22.93 -38.39
N THR B 168 43.47 -22.64 -38.83
CA THR B 168 42.27 -22.69 -37.98
C THR B 168 41.82 -24.10 -37.59
N SER B 169 42.37 -24.69 -36.52
CA SER B 169 41.86 -25.95 -36.01
C SER B 169 41.78 -25.95 -34.49
N GLY B 170 40.65 -26.39 -33.94
CA GLY B 170 40.58 -26.78 -32.54
C GLY B 170 40.08 -25.75 -31.55
N VAL B 171 38.96 -25.08 -31.84
CA VAL B 171 38.50 -23.98 -30.99
C VAL B 171 37.98 -24.51 -29.66
N HIS B 172 38.45 -23.92 -28.57
CA HIS B 172 37.94 -24.16 -27.21
C HIS B 172 38.00 -22.86 -26.43
N THR B 173 37.12 -22.71 -25.45
CA THR B 173 37.03 -21.49 -24.64
C THR B 173 37.10 -21.85 -23.16
N PHE B 174 37.79 -20.97 -22.34
CA PHE B 174 37.87 -21.16 -20.90
C PHE B 174 37.53 -19.86 -20.18
N PRO B 175 36.82 -19.93 -19.05
CA PRO B 175 36.39 -18.70 -18.39
C PRO B 175 37.38 -18.24 -17.32
N ALA B 176 37.24 -16.98 -16.92
CA ALA B 176 38.19 -16.36 -16.02
C ALA B 176 37.72 -16.45 -14.56
N VAL B 177 38.65 -16.20 -13.65
CA VAL B 177 38.37 -16.02 -12.24
C VAL B 177 39.18 -14.84 -11.74
N LEU B 178 38.76 -14.29 -10.60
CA LEU B 178 39.46 -13.20 -9.95
C LEU B 178 40.65 -13.73 -9.18
N GLN B 179 41.77 -13.01 -9.23
CA GLN B 179 42.97 -13.39 -8.52
C GLN B 179 43.27 -12.35 -7.43
N SER B 180 44.12 -12.75 -6.49
CA SER B 180 44.35 -11.97 -5.28
C SER B 180 45.05 -10.64 -5.52
N SER B 181 45.59 -10.40 -6.72
CA SER B 181 46.31 -9.17 -6.96
C SER B 181 45.41 -7.98 -7.25
N GLY B 182 44.09 -8.18 -7.28
CA GLY B 182 43.17 -7.10 -7.56
C GLY B 182 42.80 -6.92 -9.01
N LEU B 183 43.41 -7.69 -9.92
CA LEU B 183 43.05 -7.69 -11.33
C LEU B 183 42.59 -9.07 -11.74
N TYR B 184 41.60 -9.12 -12.62
CA TYR B 184 41.12 -10.40 -13.11
C TYR B 184 42.22 -11.10 -13.91
N SER B 185 42.19 -12.43 -13.87
CA SER B 185 43.10 -13.25 -14.65
C SER B 185 42.28 -14.23 -15.48
N LEU B 186 42.60 -14.29 -16.77
CA LEU B 186 41.84 -15.13 -17.68
C LEU B 186 42.79 -16.06 -18.40
N SER B 187 42.32 -17.27 -18.67
CA SER B 187 43.07 -18.25 -19.44
C SER B 187 42.11 -18.91 -20.42
N SER B 188 42.68 -19.47 -21.49
CA SER B 188 41.94 -20.34 -22.39
C SER B 188 42.93 -21.26 -23.09
N VAL B 189 42.43 -22.35 -23.63
CA VAL B 189 43.28 -23.37 -24.24
C VAL B 189 42.80 -23.62 -25.66
N VAL B 190 43.57 -24.43 -26.38
CA VAL B 190 43.25 -24.83 -27.74
C VAL B 190 43.65 -26.29 -27.90
N THR B 191 42.81 -27.04 -28.60
CA THR B 191 43.04 -28.47 -28.81
C THR B 191 43.34 -28.75 -30.27
N VAL B 192 44.61 -28.60 -30.63
CA VAL B 192 45.04 -28.75 -32.03
C VAL B 192 45.70 -30.10 -32.21
N PRO B 193 45.75 -30.60 -33.44
CA PRO B 193 46.63 -31.75 -33.73
C PRO B 193 48.08 -31.35 -33.55
N SER B 194 48.88 -32.31 -33.07
CA SER B 194 50.28 -32.02 -32.77
C SER B 194 51.08 -31.72 -34.04
N SER B 195 50.52 -32.04 -35.21
CA SER B 195 51.17 -31.68 -36.47
C SER B 195 51.07 -30.19 -36.77
N SER B 196 49.98 -29.54 -36.38
CA SER B 196 49.71 -28.15 -36.74
C SER B 196 50.21 -27.15 -35.70
N LEU B 197 51.50 -27.16 -35.37
CA LEU B 197 51.98 -26.30 -34.29
C LEU B 197 52.67 -25.05 -34.81
N GLY B 198 53.75 -25.20 -35.56
CA GLY B 198 54.59 -24.07 -35.86
C GLY B 198 55.00 -23.90 -37.31
N THR B 199 54.81 -24.92 -38.15
CA THR B 199 55.13 -24.80 -39.56
C THR B 199 54.05 -24.01 -40.30
N GLN B 200 52.81 -24.45 -40.24
CA GLN B 200 51.70 -23.62 -40.66
C GLN B 200 51.31 -22.70 -39.51
N THR B 201 50.62 -21.61 -39.82
CA THR B 201 50.41 -20.52 -38.87
C THR B 201 48.93 -20.18 -38.74
N TYR B 202 48.38 -20.33 -37.52
CA TYR B 202 46.99 -19.99 -37.18
C TYR B 202 46.91 -18.48 -36.96
N ILE B 203 45.84 -17.98 -36.34
CA ILE B 203 45.70 -16.57 -36.01
C ILE B 203 45.63 -16.45 -34.50
N CYS B 204 46.19 -15.39 -33.93
CA CYS B 204 45.79 -14.96 -32.57
C CYS B 204 44.75 -13.85 -32.65
N ASN B 205 43.56 -14.13 -32.13
CA ASN B 205 42.50 -13.16 -31.99
C ASN B 205 42.28 -12.88 -30.50
N VAL B 206 42.99 -11.88 -29.98
CA VAL B 206 42.86 -11.48 -28.58
C VAL B 206 42.65 -9.98 -28.54
N ASN B 207 41.49 -9.57 -28.04
CA ASN B 207 41.16 -8.15 -27.92
C ASN B 207 40.38 -7.90 -26.64
N HIS B 208 40.56 -6.70 -26.10
CA HIS B 208 39.82 -6.24 -24.92
C HIS B 208 39.09 -4.96 -25.32
N LYS B 209 37.76 -5.01 -25.32
CA LYS B 209 36.98 -3.92 -25.89
C LYS B 209 37.20 -2.57 -25.19
N PRO B 210 37.20 -2.47 -23.86
CA PRO B 210 37.55 -1.19 -23.24
C PRO B 210 38.92 -0.66 -23.64
N SER B 211 39.90 -1.53 -23.87
CA SER B 211 41.24 -1.09 -24.22
C SER B 211 41.59 -1.33 -25.68
N ASN B 212 40.72 -1.97 -26.46
CA ASN B 212 40.89 -2.17 -27.91
C ASN B 212 42.27 -2.74 -28.26
N THR B 213 42.89 -3.42 -27.31
CA THR B 213 44.23 -3.96 -27.47
C THR B 213 44.17 -5.28 -28.24
N LYS B 214 44.66 -5.26 -29.47
CA LYS B 214 44.76 -6.46 -30.31
C LYS B 214 46.22 -6.74 -30.59
N VAL B 215 46.67 -7.94 -30.23
CA VAL B 215 48.07 -8.33 -30.39
C VAL B 215 48.13 -9.67 -31.10
N ASP B 216 48.85 -9.72 -32.22
CA ASP B 216 49.02 -10.94 -32.99
C ASP B 216 50.36 -11.56 -32.62
N LYS B 217 50.34 -12.59 -31.79
CA LYS B 217 51.53 -13.11 -31.16
C LYS B 217 51.96 -14.41 -31.80
N LYS B 218 53.27 -14.65 -31.81
CA LYS B 218 53.90 -15.74 -32.54
C LYS B 218 54.44 -16.79 -31.57
N VAL B 219 54.11 -18.06 -31.85
CA VAL B 219 54.68 -19.21 -31.17
C VAL B 219 55.27 -20.19 -32.17
N GLU B 220 56.59 -20.34 -32.15
CA GLU B 220 57.23 -21.57 -32.58
C GLU B 220 57.59 -22.32 -31.31
N PRO B 221 57.27 -23.62 -31.22
CA PRO B 221 57.67 -24.38 -30.03
C PRO B 221 59.14 -24.19 -29.74
N LYS B 222 59.41 -23.52 -28.62
CA LYS B 222 60.67 -22.82 -28.36
C LYS B 222 61.88 -23.67 -28.73
N SER B 223 62.84 -23.01 -29.38
CA SER B 223 64.03 -23.66 -29.93
C SER B 223 63.66 -24.80 -30.85
N ASP C 1 8.21 -9.00 3.16
CA ASP C 1 9.17 -9.87 2.49
C ASP C 1 8.69 -11.31 2.49
N ILE C 2 9.19 -12.10 1.56
CA ILE C 2 8.81 -13.51 1.41
C ILE C 2 10.08 -14.32 1.26
N GLN C 3 10.21 -15.40 2.03
CA GLN C 3 11.41 -16.21 2.04
C GLN C 3 11.14 -17.58 1.43
N MET C 4 12.05 -18.02 0.58
CA MET C 4 11.97 -19.34 -0.05
C MET C 4 13.32 -20.03 0.12
N THR C 5 13.38 -21.02 1.00
CA THR C 5 14.63 -21.73 1.27
C THR C 5 14.72 -22.98 0.40
N GLN C 6 15.02 -22.76 -0.88
CA GLN C 6 15.07 -23.85 -1.85
C GLN C 6 16.08 -24.91 -1.42
N SER C 7 15.68 -26.17 -1.48
CA SER C 7 16.58 -27.28 -1.27
C SER C 7 16.38 -28.29 -2.38
N PRO C 8 17.43 -29.05 -2.75
CA PRO C 8 18.81 -28.90 -2.27
C PRO C 8 19.51 -27.66 -2.82
N SER C 9 20.65 -27.32 -2.23
CA SER C 9 21.47 -26.25 -2.79
C SER C 9 21.96 -26.62 -4.20
N SER C 10 22.34 -27.88 -4.40
CA SER C 10 22.69 -28.37 -5.72
C SER C 10 22.51 -29.87 -5.77
N LEU C 11 21.98 -30.35 -6.89
CA LEU C 11 21.80 -31.78 -7.12
C LEU C 11 22.26 -32.10 -8.51
N SER C 12 22.53 -33.38 -8.76
CA SER C 12 22.92 -33.85 -10.08
C SER C 12 22.27 -35.20 -10.37
N ALA C 13 21.97 -35.45 -11.64
CA ALA C 13 21.39 -36.71 -12.08
C ALA C 13 21.86 -36.97 -13.50
N SER C 14 21.51 -38.14 -14.02
CA SER C 14 21.94 -38.55 -15.35
C SER C 14 20.97 -38.00 -16.40
N VAL C 15 21.35 -38.17 -17.67
CA VAL C 15 20.54 -37.66 -18.76
C VAL C 15 19.20 -38.37 -18.79
N GLY C 16 18.13 -37.60 -19.04
CA GLY C 16 16.80 -38.16 -19.17
C GLY C 16 16.07 -38.42 -17.88
N ASP C 17 16.71 -38.20 -16.73
CA ASP C 17 16.07 -38.48 -15.45
C ASP C 17 15.04 -37.41 -15.09
N ARG C 18 14.23 -37.72 -14.08
CA ARG C 18 13.28 -36.76 -13.54
C ARG C 18 13.89 -36.07 -12.33
N VAL C 19 13.82 -34.74 -12.32
CA VAL C 19 14.48 -33.92 -11.32
C VAL C 19 13.45 -33.09 -10.58
N THR C 20 13.48 -33.15 -9.25
CA THR C 20 12.59 -32.36 -8.40
C THR C 20 13.42 -31.36 -7.60
N ILE C 21 13.12 -30.07 -7.78
CA ILE C 21 13.79 -29.01 -7.05
C ILE C 21 12.73 -28.24 -6.28
N THR C 22 12.92 -28.14 -4.97
CA THR C 22 11.86 -27.65 -4.10
C THR C 22 11.86 -26.13 -4.00
N CYS C 23 10.76 -25.50 -4.41
CA CYS C 23 10.44 -24.14 -4.00
C CYS C 23 9.40 -24.19 -2.90
N GLN C 24 9.76 -23.69 -1.72
CA GLN C 24 8.82 -23.48 -0.64
C GLN C 24 8.21 -22.10 -0.80
N ALA C 25 7.49 -21.64 0.23
CA ALA C 25 6.92 -20.30 0.20
C ALA C 25 6.75 -19.83 1.63
N SER C 26 6.11 -18.68 1.81
CA SER C 26 5.91 -18.11 3.14
C SER C 26 4.44 -18.03 3.52
N GLN C 27 3.60 -17.47 2.66
CA GLN C 27 2.20 -17.20 3.00
C GLN C 27 1.31 -17.30 1.76
N ASP C 28 0.73 -18.47 1.55
CA ASP C 28 -0.42 -18.74 0.67
C ASP C 28 -0.51 -17.84 -0.56
N ILE C 29 0.54 -17.88 -1.39
CA ILE C 29 0.65 -17.05 -2.62
C ILE C 29 -0.21 -17.71 -3.71
N SER C 30 -0.86 -18.82 -3.37
CA SER C 30 -1.74 -19.53 -4.31
C SER C 30 -0.98 -19.96 -5.57
N ASN C 31 -1.33 -19.36 -6.71
CA ASN C 31 -0.76 -19.76 -8.00
C ASN C 31 -0.08 -18.58 -8.68
N TYR C 32 0.23 -17.53 -7.91
CA TYR C 32 0.98 -16.39 -8.49
C TYR C 32 2.49 -16.64 -8.37
N LEU C 33 3.02 -17.60 -9.14
CA LEU C 33 4.48 -17.89 -9.14
C LEU C 33 4.98 -18.02 -10.58
N ASN C 34 6.12 -17.39 -10.92
CA ASN C 34 6.72 -17.59 -12.28
C ASN C 34 8.07 -18.29 -12.15
N TRP C 35 8.52 -18.99 -13.20
CA TRP C 35 9.76 -19.74 -13.12
C TRP C 35 10.80 -19.16 -14.06
N TYR C 36 12.06 -19.22 -13.64
CA TYR C 36 13.15 -18.62 -14.39
C TYR C 36 14.23 -19.66 -14.67
N GLN C 37 14.75 -19.63 -15.89
CA GLN C 37 15.91 -20.41 -16.29
C GLN C 37 17.07 -19.46 -16.55
N GLN C 38 18.22 -19.76 -15.96
CA GLN C 38 19.40 -18.90 -16.11
C GLN C 38 20.63 -19.78 -16.29
N LYS C 39 21.26 -19.65 -17.45
CA LYS C 39 22.50 -20.34 -17.79
C LYS C 39 23.69 -19.51 -17.33
N PRO C 40 24.83 -20.15 -17.06
CA PRO C 40 25.99 -19.39 -16.56
C PRO C 40 26.40 -18.30 -17.54
N GLY C 41 26.65 -17.12 -16.99
CA GLY C 41 27.04 -15.97 -17.80
C GLY C 41 25.99 -15.49 -18.77
N LYS C 42 24.75 -15.96 -18.66
CA LYS C 42 23.69 -15.61 -19.58
C LYS C 42 22.58 -14.88 -18.85
N ALA C 43 21.77 -14.14 -19.60
CA ALA C 43 20.64 -13.45 -19.02
C ALA C 43 19.54 -14.45 -18.65
N PRO C 44 18.88 -14.24 -17.51
CA PRO C 44 17.80 -15.16 -17.10
C PRO C 44 16.63 -15.12 -18.08
N LYS C 45 15.92 -16.25 -18.16
CA LYS C 45 14.74 -16.38 -19.00
C LYS C 45 13.65 -17.11 -18.23
N LEU C 46 12.40 -16.77 -18.55
CA LEU C 46 11.26 -17.49 -17.96
C LEU C 46 11.29 -18.96 -18.33
N LEU C 47 10.71 -19.78 -17.46
CA LEU C 47 10.51 -21.19 -17.77
C LEU C 47 9.05 -21.59 -17.67
N ILE C 48 8.37 -21.26 -16.57
CA ILE C 48 6.93 -21.46 -16.41
C ILE C 48 6.38 -20.25 -15.67
N TYR C 49 5.19 -19.79 -16.06
CA TYR C 49 4.51 -18.73 -15.34
C TYR C 49 3.14 -19.23 -14.86
N ASP C 50 2.57 -18.51 -13.89
CA ASP C 50 1.31 -18.86 -13.23
C ASP C 50 1.38 -20.22 -12.55
N ALA C 51 2.60 -20.70 -12.29
CA ALA C 51 2.87 -21.91 -11.51
C ALA C 51 2.48 -23.18 -12.25
N SER C 52 1.83 -23.04 -13.40
CA SER C 52 1.48 -24.20 -14.21
C SER C 52 1.64 -23.99 -15.71
N ASN C 53 1.78 -22.76 -16.20
CA ASN C 53 1.67 -22.49 -17.63
C ASN C 53 3.05 -22.23 -18.22
N LEU C 54 3.40 -23.04 -19.22
CA LEU C 54 4.65 -22.85 -19.94
C LEU C 54 4.52 -21.66 -20.88
N GLU C 55 5.63 -20.94 -21.07
CA GLU C 55 5.64 -19.87 -22.05
C GLU C 55 5.82 -20.44 -23.46
N THR C 56 5.55 -19.61 -24.45
CA THR C 56 5.75 -20.02 -25.83
C THR C 56 7.24 -20.25 -26.09
N GLY C 57 7.52 -21.27 -26.91
CA GLY C 57 8.90 -21.62 -27.21
C GLY C 57 9.67 -22.25 -26.08
N VAL C 58 8.99 -22.85 -25.11
CA VAL C 58 9.65 -23.49 -23.96
C VAL C 58 9.49 -24.99 -24.08
N PRO C 59 10.55 -25.77 -23.83
CA PRO C 59 10.43 -27.23 -23.94
C PRO C 59 9.37 -27.80 -23.02
N SER C 60 8.64 -28.79 -23.54
CA SER C 60 7.59 -29.45 -22.78
C SER C 60 8.14 -30.27 -21.61
N ARG C 61 9.43 -30.61 -21.63
CA ARG C 61 10.05 -31.30 -20.50
C ARG C 61 10.19 -30.41 -19.26
N PHE C 62 9.93 -29.12 -19.38
CA PHE C 62 9.94 -28.24 -18.23
C PHE C 62 8.51 -28.03 -17.75
N SER C 63 8.26 -28.36 -16.49
CA SER C 63 6.91 -28.29 -15.95
C SER C 63 6.96 -28.07 -14.45
N GLY C 64 6.01 -27.28 -13.95
CA GLY C 64 5.94 -26.98 -12.54
C GLY C 64 4.50 -26.86 -12.08
N SER C 65 4.33 -26.97 -10.76
CA SER C 65 3.01 -26.88 -10.14
C SER C 65 3.19 -26.61 -8.65
N GLY C 66 2.07 -26.51 -7.95
CA GLY C 66 2.07 -26.32 -6.52
C GLY C 66 1.33 -25.05 -6.11
N SER C 67 1.07 -24.95 -4.81
CA SER C 67 0.42 -23.78 -4.23
C SER C 67 0.67 -23.78 -2.74
N GLY C 68 0.51 -22.61 -2.13
CA GLY C 68 0.65 -22.50 -0.69
C GLY C 68 2.08 -22.28 -0.21
N THR C 69 2.72 -23.33 0.30
CA THR C 69 4.06 -23.24 0.87
C THR C 69 5.04 -24.26 0.31
N ASP C 70 4.63 -25.07 -0.68
CA ASP C 70 5.51 -26.02 -1.33
C ASP C 70 5.19 -26.06 -2.81
N PHE C 71 6.22 -25.99 -3.66
CA PHE C 71 6.03 -25.91 -5.10
C PHE C 71 7.00 -26.89 -5.75
N THR C 72 6.46 -27.88 -6.47
CA THR C 72 7.26 -29.04 -6.84
C THR C 72 8.20 -28.76 -8.01
N PHE C 73 7.64 -28.55 -9.21
CA PHE C 73 8.41 -28.39 -10.44
C PHE C 73 9.26 -29.61 -10.79
N THR C 74 9.21 -30.04 -12.04
CA THR C 74 9.92 -31.26 -12.44
C THR C 74 10.69 -31.02 -13.73
N ILE C 75 11.87 -31.61 -13.83
CA ILE C 75 12.58 -31.77 -15.09
C ILE C 75 12.41 -33.21 -15.53
N SER C 76 11.46 -33.45 -16.43
CA SER C 76 11.07 -34.82 -16.78
C SER C 76 12.23 -35.61 -17.38
N SER C 77 13.05 -35.00 -18.22
CA SER C 77 14.18 -35.67 -18.83
C SER C 77 15.33 -34.68 -18.94
N LEU C 78 16.40 -34.92 -18.18
CA LEU C 78 17.59 -34.09 -18.29
C LEU C 78 18.17 -34.18 -19.69
N GLN C 79 18.65 -33.05 -20.19
CA GLN C 79 19.26 -32.94 -21.51
C GLN C 79 20.62 -32.26 -21.37
N PRO C 80 21.52 -32.47 -22.33
CA PRO C 80 22.82 -31.77 -22.26
C PRO C 80 22.70 -30.26 -22.25
N GLU C 81 21.65 -29.70 -22.83
CA GLU C 81 21.43 -28.26 -22.80
C GLU C 81 20.63 -27.82 -21.58
N ASP C 82 20.05 -28.75 -20.82
CA ASP C 82 19.38 -28.44 -19.57
C ASP C 82 20.35 -27.94 -18.51
N ILE C 83 21.65 -28.05 -18.77
CA ILE C 83 22.68 -27.53 -17.89
C ILE C 83 22.42 -26.06 -17.62
N ALA C 84 22.14 -25.74 -16.37
CA ALA C 84 21.82 -24.38 -15.94
C ALA C 84 21.54 -24.40 -14.43
N THR C 85 21.28 -23.23 -13.88
CA THR C 85 20.76 -23.08 -12.53
C THR C 85 19.42 -22.35 -12.62
N TYR C 86 18.41 -22.91 -11.97
CA TYR C 86 17.03 -22.47 -12.14
C TYR C 86 16.58 -21.69 -10.92
N TYR C 87 15.79 -20.65 -11.14
CA TYR C 87 15.30 -19.81 -10.06
C TYR C 87 13.78 -19.82 -10.04
N CYS C 88 13.23 -20.02 -8.84
CA CYS C 88 11.81 -19.88 -8.58
C CYS C 88 11.55 -18.50 -7.98
N GLN C 89 10.62 -17.76 -8.59
CA GLN C 89 10.40 -16.35 -8.19
C GLN C 89 9.21 -16.21 -7.24
N GLN C 90 9.13 -15.09 -6.54
CA GLN C 90 7.93 -14.82 -5.72
C GLN C 90 7.14 -13.76 -6.50
N TRP C 91 5.98 -14.15 -7.04
CA TRP C 91 5.16 -13.19 -7.81
C TRP C 91 4.06 -12.63 -6.89
N ALA C 92 4.19 -12.88 -5.59
CA ALA C 92 3.23 -12.30 -4.64
C ALA C 92 3.37 -10.78 -4.71
N ASP C 93 2.30 -10.04 -4.42
CA ASP C 93 2.37 -8.56 -4.38
C ASP C 93 3.56 -8.11 -3.54
N TRP C 94 3.93 -6.83 -3.62
CA TRP C 94 5.00 -6.35 -2.75
C TRP C 94 6.27 -7.11 -3.15
N PRO C 95 6.78 -6.86 -4.38
CA PRO C 95 7.64 -7.83 -5.07
C PRO C 95 9.11 -7.72 -4.66
N LEU C 96 9.48 -8.42 -3.59
CA LEU C 96 10.79 -8.16 -3.00
C LEU C 96 11.86 -9.22 -3.19
N THR C 97 11.54 -10.44 -3.59
CA THR C 97 12.53 -11.49 -3.40
C THR C 97 12.45 -12.54 -4.49
N PHE C 98 13.62 -13.08 -4.83
CA PHE C 98 13.81 -14.18 -5.76
C PHE C 98 14.17 -15.44 -4.98
N GLY C 99 14.42 -16.54 -5.69
CA GLY C 99 14.88 -17.75 -5.07
C GLY C 99 16.36 -17.71 -4.76
N GLN C 100 16.75 -18.40 -3.68
CA GLN C 100 18.15 -18.46 -3.33
C GLN C 100 18.94 -19.36 -4.27
N GLY C 101 18.25 -20.18 -5.06
CA GLY C 101 18.92 -20.95 -6.08
C GLY C 101 18.94 -22.45 -5.90
N THR C 102 18.75 -23.17 -7.01
CA THR C 102 18.95 -24.62 -7.06
C THR C 102 19.78 -24.93 -8.29
N LYS C 103 20.97 -25.50 -8.08
CA LYS C 103 21.88 -25.81 -9.17
C LYS C 103 21.73 -27.27 -9.55
N VAL C 104 21.57 -27.54 -10.84
CA VAL C 104 21.40 -28.90 -11.35
C VAL C 104 22.57 -29.20 -12.29
N GLU C 105 23.07 -30.43 -12.23
CA GLU C 105 24.24 -30.86 -12.99
C GLU C 105 24.04 -32.30 -13.45
N ILE C 106 25.00 -32.79 -14.24
CA ILE C 106 24.87 -34.10 -14.87
C ILE C 106 25.81 -35.09 -14.21
N LYS C 107 25.28 -36.29 -13.92
CA LYS C 107 26.14 -37.45 -13.69
C LYS C 107 26.81 -37.87 -14.99
N ARG C 108 28.11 -38.15 -14.90
CA ARG C 108 28.90 -38.56 -16.05
C ARG C 108 29.89 -39.63 -15.59
N THR C 109 30.47 -40.34 -16.56
CA THR C 109 31.49 -41.32 -16.25
C THR C 109 32.81 -40.61 -15.94
N VAL C 110 33.51 -41.10 -14.92
CA VAL C 110 34.78 -40.50 -14.52
C VAL C 110 35.75 -40.58 -15.69
N ALA C 111 36.36 -39.44 -16.02
CA ALA C 111 37.24 -39.32 -17.18
C ALA C 111 38.52 -38.60 -16.79
N ALA C 112 39.65 -39.12 -17.26
CA ALA C 112 40.93 -38.52 -16.92
C ALA C 112 41.15 -37.22 -17.70
N PRO C 113 41.68 -36.19 -17.06
CA PRO C 113 41.96 -34.94 -17.78
C PRO C 113 43.29 -34.99 -18.50
N SER C 114 43.29 -34.43 -19.70
CA SER C 114 44.50 -34.29 -20.50
C SER C 114 45.38 -33.25 -19.82
N VAL C 115 46.59 -33.66 -19.44
CA VAL C 115 47.50 -32.83 -18.68
C VAL C 115 48.47 -32.16 -19.64
N PHE C 116 48.89 -30.94 -19.29
CA PHE C 116 49.92 -30.23 -20.02
C PHE C 116 50.45 -29.11 -19.14
N ILE C 117 51.68 -28.69 -19.41
CA ILE C 117 52.34 -27.61 -18.69
C ILE C 117 52.82 -26.56 -19.67
N PHE C 118 52.48 -25.31 -19.41
CA PHE C 118 53.03 -24.20 -20.18
C PHE C 118 54.23 -23.62 -19.45
N PRO C 119 55.43 -23.76 -19.97
CA PRO C 119 56.57 -23.04 -19.41
C PRO C 119 56.47 -21.56 -19.74
N PRO C 120 56.80 -20.68 -18.79
CA PRO C 120 56.90 -19.25 -19.12
C PRO C 120 57.98 -19.03 -20.17
N SER C 121 57.63 -18.24 -21.18
CA SER C 121 58.57 -17.96 -22.26
C SER C 121 59.49 -16.82 -21.89
N ASP C 122 60.33 -16.45 -22.86
CA ASP C 122 61.16 -15.26 -22.73
C ASP C 122 60.33 -14.01 -22.49
N GLU C 123 59.11 -13.96 -23.03
CA GLU C 123 58.29 -12.76 -22.84
C GLU C 123 57.76 -12.67 -21.42
N GLN C 124 57.42 -13.81 -20.80
CA GLN C 124 57.26 -13.84 -19.35
C GLN C 124 58.57 -13.61 -18.62
N LEU C 125 59.67 -14.16 -19.15
CA LEU C 125 60.99 -13.79 -18.63
C LEU C 125 61.22 -12.29 -18.81
N LYS C 126 60.81 -11.75 -19.97
CA LYS C 126 60.81 -10.30 -20.15
C LYS C 126 59.86 -9.62 -19.21
N SER C 127 58.65 -10.17 -19.01
CA SER C 127 57.69 -9.59 -18.10
C SER C 127 58.02 -9.84 -16.63
N GLY C 128 58.69 -10.95 -16.32
CA GLY C 128 58.98 -11.28 -14.94
C GLY C 128 57.92 -12.05 -14.20
N THR C 129 56.85 -12.46 -14.87
CA THR C 129 55.79 -13.25 -14.25
C THR C 129 55.90 -14.70 -14.70
N ALA C 130 56.05 -15.59 -13.74
CA ALA C 130 56.17 -17.01 -14.00
C ALA C 130 54.84 -17.68 -13.74
N SER C 131 54.18 -18.12 -14.81
CA SER C 131 52.87 -18.76 -14.73
C SER C 131 52.94 -20.15 -15.34
N VAL C 132 52.44 -21.13 -14.62
CA VAL C 132 52.39 -22.52 -15.06
C VAL C 132 50.97 -23.02 -14.89
N VAL C 133 50.34 -23.40 -15.99
CA VAL C 133 49.00 -23.95 -15.98
C VAL C 133 49.08 -25.44 -16.29
N CYS C 134 48.66 -26.27 -15.34
CA CYS C 134 48.60 -27.70 -15.53
C CYS C 134 47.15 -28.04 -15.85
N LEU C 135 46.92 -28.52 -17.08
CA LEU C 135 45.59 -28.53 -17.66
C LEU C 135 44.76 -29.70 -17.15
N LEU C 136 43.52 -29.40 -16.77
CA LEU C 136 42.53 -30.41 -16.46
C LEU C 136 41.34 -30.15 -17.38
N ASN C 137 41.27 -30.90 -18.48
CA ASN C 137 40.27 -30.68 -19.52
C ASN C 137 39.40 -31.93 -19.67
N ASN C 138 38.08 -31.74 -19.66
CA ASN C 138 37.10 -32.80 -19.86
C ASN C 138 37.31 -33.95 -18.86
N PHE C 139 37.41 -33.59 -17.59
CA PHE C 139 37.54 -34.55 -16.51
C PHE C 139 36.25 -34.57 -15.70
N TYR C 140 36.01 -35.67 -15.02
CA TYR C 140 34.82 -35.75 -14.19
C TYR C 140 35.10 -36.63 -12.97
N PRO C 141 34.64 -36.26 -11.77
CA PRO C 141 33.96 -35.01 -11.43
C PRO C 141 34.94 -33.93 -10.95
N ARG C 142 34.40 -32.86 -10.38
CA ARG C 142 35.21 -31.72 -9.96
C ARG C 142 36.07 -32.02 -8.75
N GLU C 143 35.69 -33.00 -7.94
CA GLU C 143 36.54 -33.39 -6.82
C GLU C 143 37.74 -34.16 -7.34
N ALA C 144 38.78 -33.42 -7.70
CA ALA C 144 40.01 -34.01 -8.22
C ALA C 144 41.17 -33.11 -7.82
N LYS C 145 42.11 -33.67 -7.08
CA LYS C 145 43.13 -32.89 -6.38
C LYS C 145 44.33 -32.73 -7.28
N VAL C 146 44.81 -31.50 -7.42
CA VAL C 146 46.02 -31.21 -8.17
C VAL C 146 47.12 -30.93 -7.16
N GLN C 147 48.16 -31.76 -7.17
CA GLN C 147 49.24 -31.66 -6.22
C GLN C 147 50.39 -30.93 -6.89
N TRP C 148 50.91 -29.91 -6.20
CA TRP C 148 51.98 -29.08 -6.72
C TRP C 148 53.25 -29.30 -5.91
N LYS C 149 54.34 -29.59 -6.61
CA LYS C 149 55.64 -29.80 -5.96
C LYS C 149 56.71 -29.08 -6.78
N VAL C 150 57.62 -28.41 -6.08
CA VAL C 150 58.75 -27.72 -6.70
C VAL C 150 60.01 -28.18 -5.98
N ASP C 151 60.99 -28.67 -6.74
CA ASP C 151 62.24 -29.18 -6.18
C ASP C 151 61.98 -30.26 -5.13
N ASN C 152 61.03 -31.14 -5.44
CA ASN C 152 60.62 -32.25 -4.57
C ASN C 152 60.01 -31.78 -3.26
N ALA C 153 59.61 -30.51 -3.19
CA ALA C 153 58.97 -29.95 -2.01
C ALA C 153 57.52 -29.62 -2.32
N LEU C 154 56.61 -30.08 -1.47
CA LEU C 154 55.19 -29.84 -1.68
C LEU C 154 54.90 -28.35 -1.60
N GLN C 155 54.05 -27.86 -2.52
CA GLN C 155 53.65 -26.47 -2.56
C GLN C 155 52.24 -26.30 -2.01
N SER C 156 52.01 -25.16 -1.38
CA SER C 156 50.69 -24.85 -0.82
C SER C 156 50.56 -23.35 -0.68
N GLY C 157 49.34 -22.85 -0.87
CA GLY C 157 49.06 -21.44 -0.78
C GLY C 157 49.66 -20.60 -1.89
N ASN C 158 50.54 -21.17 -2.72
CA ASN C 158 51.16 -20.45 -3.83
C ASN C 158 50.57 -20.85 -5.17
N SER C 159 49.41 -21.50 -5.19
CA SER C 159 48.74 -21.89 -6.42
C SER C 159 47.33 -21.33 -6.43
N GLN C 160 46.74 -21.26 -7.63
CA GLN C 160 45.39 -20.76 -7.81
C GLN C 160 44.59 -21.78 -8.63
N GLU C 161 43.27 -21.67 -8.57
CA GLU C 161 42.37 -22.60 -9.23
C GLU C 161 41.28 -21.85 -9.97
N SER C 162 40.73 -22.48 -10.99
CA SER C 162 39.67 -21.89 -11.80
C SER C 162 38.80 -22.98 -12.38
N VAL C 163 37.55 -23.02 -11.94
CA VAL C 163 36.62 -24.10 -12.27
C VAL C 163 35.69 -23.64 -13.38
N THR C 164 35.65 -24.41 -14.47
CA THR C 164 34.77 -24.13 -15.58
C THR C 164 33.34 -24.52 -15.23
N GLU C 165 32.38 -23.80 -15.80
CA GLU C 165 31.00 -24.28 -15.75
C GLU C 165 30.77 -25.30 -16.87
N GLN C 166 29.57 -25.85 -16.90
CA GLN C 166 29.23 -26.92 -17.85
C GLN C 166 29.57 -26.54 -19.28
N ASP C 167 30.08 -27.51 -20.04
CA ASP C 167 30.14 -27.37 -21.48
C ASP C 167 28.80 -27.76 -22.12
N SER C 168 28.44 -27.05 -23.18
CA SER C 168 27.25 -27.42 -23.93
C SER C 168 27.40 -28.78 -24.62
N LYS C 169 28.54 -29.03 -25.27
CA LYS C 169 28.72 -30.24 -26.07
C LYS C 169 28.82 -31.49 -25.22
N ASP C 170 29.75 -31.50 -24.26
CA ASP C 170 30.05 -32.70 -23.49
C ASP C 170 29.70 -32.61 -22.02
N SER C 171 29.27 -31.45 -21.53
CA SER C 171 28.77 -31.26 -20.16
C SER C 171 29.83 -31.54 -19.10
N THR C 172 31.05 -31.88 -19.52
CA THR C 172 32.11 -32.31 -18.61
C THR C 172 32.87 -31.10 -18.09
N TYR C 173 33.43 -31.25 -16.89
CA TYR C 173 34.12 -30.18 -16.18
C TYR C 173 35.47 -29.88 -16.82
N SER C 174 35.98 -28.69 -16.50
CA SER C 174 37.33 -28.28 -16.88
C SER C 174 37.90 -27.38 -15.80
N LEU C 175 39.21 -27.47 -15.60
CA LEU C 175 39.88 -26.72 -14.55
C LEU C 175 41.27 -26.30 -15.00
N SER C 176 41.71 -25.15 -14.52
CA SER C 176 43.08 -24.67 -14.70
C SER C 176 43.65 -24.32 -13.34
N SER C 177 44.85 -24.82 -13.05
CA SER C 177 45.57 -24.47 -11.84
C SER C 177 46.82 -23.70 -12.22
N THR C 178 47.05 -22.57 -11.55
CA THR C 178 48.17 -21.69 -11.86
C THR C 178 49.07 -21.60 -10.64
N LEU C 179 50.23 -22.25 -10.71
CA LEU C 179 51.27 -22.11 -9.71
C LEU C 179 52.01 -20.80 -9.97
N THR C 180 51.53 -19.73 -9.36
CA THR C 180 52.05 -18.40 -9.61
C THR C 180 53.46 -18.30 -9.06
N LEU C 181 54.28 -17.46 -9.68
CA LEU C 181 55.66 -17.30 -9.26
C LEU C 181 56.22 -16.06 -9.93
N SER C 182 57.19 -15.43 -9.25
CA SER C 182 57.93 -14.34 -9.86
C SER C 182 59.14 -14.89 -10.60
N LYS C 183 59.70 -14.06 -11.49
CA LYS C 183 60.86 -14.51 -12.24
C LYS C 183 62.03 -14.79 -11.30
N ALA C 184 62.25 -13.92 -10.31
CA ALA C 184 63.39 -14.06 -9.42
C ALA C 184 63.45 -15.46 -8.81
N ASP C 185 62.32 -15.94 -8.31
CA ASP C 185 62.25 -17.31 -7.83
C ASP C 185 62.49 -18.30 -8.95
N TYR C 186 62.24 -17.91 -10.20
CA TYR C 186 62.37 -18.85 -11.31
C TYR C 186 63.84 -19.11 -11.65
N GLU C 187 64.69 -18.06 -11.65
CA GLU C 187 66.08 -18.36 -12.00
C GLU C 187 66.85 -18.99 -10.84
N LYS C 188 66.29 -19.05 -9.64
CA LYS C 188 66.89 -19.82 -8.56
C LYS C 188 66.12 -21.08 -8.20
N HIS C 189 65.30 -21.62 -9.10
CA HIS C 189 64.67 -22.91 -8.91
C HIS C 189 64.68 -23.69 -10.20
N LYS C 190 64.66 -25.02 -10.07
CA LYS C 190 64.89 -25.93 -11.18
C LYS C 190 63.68 -26.80 -11.50
N VAL C 191 63.15 -27.53 -10.51
CA VAL C 191 62.22 -28.62 -10.75
C VAL C 191 60.79 -28.11 -10.68
N TYR C 192 60.05 -28.30 -11.77
CA TYR C 192 58.64 -27.92 -11.86
C TYR C 192 57.84 -29.10 -12.41
N ALA C 193 56.83 -29.53 -11.66
CA ALA C 193 55.96 -30.62 -12.07
C ALA C 193 54.64 -30.51 -11.33
N CYS C 194 53.58 -31.06 -11.92
CA CYS C 194 52.25 -31.03 -11.34
CA CYS C 194 52.25 -31.03 -11.34
C CYS C 194 51.71 -32.44 -11.23
N GLU C 195 51.07 -32.73 -10.10
CA GLU C 195 50.40 -34.01 -9.87
C GLU C 195 48.91 -33.74 -9.81
N VAL C 196 48.12 -34.65 -10.39
CA VAL C 196 46.67 -34.53 -10.39
C VAL C 196 46.08 -35.84 -9.90
N THR C 197 45.31 -35.76 -8.81
CA THR C 197 44.63 -36.92 -8.24
C THR C 197 43.29 -37.07 -8.93
N HIS C 198 43.03 -38.26 -9.46
CA HIS C 198 41.83 -38.51 -10.23
C HIS C 198 41.49 -39.99 -10.18
N GLN C 199 40.19 -40.28 -10.15
CA GLN C 199 39.74 -41.65 -9.96
C GLN C 199 40.18 -42.56 -11.10
N GLY C 200 39.98 -42.12 -12.35
CA GLY C 200 40.37 -42.93 -13.49
C GLY C 200 41.86 -43.12 -13.64
N LEU C 201 42.66 -42.33 -12.95
CA LEU C 201 44.12 -42.44 -12.98
C LEU C 201 44.57 -43.43 -11.92
N SER C 202 45.36 -44.43 -12.33
CA SER C 202 45.92 -45.36 -11.37
C SER C 202 46.81 -44.64 -10.36
N SER C 203 47.68 -43.75 -10.87
CA SER C 203 48.50 -42.88 -10.05
C SER C 203 48.46 -41.48 -10.65
N PRO C 204 48.62 -40.44 -9.83
CA PRO C 204 48.69 -39.09 -10.39
C PRO C 204 49.82 -38.98 -11.39
N VAL C 205 49.43 -38.79 -12.66
CA VAL C 205 50.37 -38.78 -13.77
C VAL C 205 51.07 -37.44 -13.79
N THR C 206 52.39 -37.46 -13.81
CA THR C 206 53.20 -36.26 -13.74
C THR C 206 53.64 -35.84 -15.14
N LYS C 207 53.69 -34.53 -15.34
CA LYS C 207 54.57 -33.93 -16.34
C LYS C 207 55.53 -33.04 -15.58
N SER C 208 56.81 -33.07 -15.96
CA SER C 208 57.82 -32.30 -15.28
C SER C 208 58.52 -31.38 -16.27
N PHE C 209 58.68 -30.13 -15.88
CA PHE C 209 59.43 -29.18 -16.68
C PHE C 209 60.56 -28.58 -15.85
N ASN C 210 61.66 -28.28 -16.52
CA ASN C 210 62.78 -27.57 -15.94
C ASN C 210 63.14 -26.42 -16.86
N ARG C 211 63.50 -25.27 -16.28
CA ARG C 211 63.91 -24.13 -17.07
C ARG C 211 65.08 -24.51 -17.97
N GLY C 212 65.13 -23.92 -19.16
CA GLY C 212 66.04 -24.37 -20.18
C GLY C 212 65.60 -25.64 -20.88
N GLU C 213 64.31 -25.95 -20.87
CA GLU C 213 63.75 -27.12 -21.56
C GLU C 213 64.41 -28.42 -21.10
N CYS C 214 64.21 -28.71 -19.81
CA CYS C 214 64.73 -29.95 -19.24
C CYS C 214 63.67 -30.65 -18.39
#